data_1M6Z
#
_entry.id   1M6Z
#
_cell.length_a   75.11
_cell.length_b   57.56
_cell.length_c   83.75
_cell.angle_alpha   90.00
_cell.angle_beta   104.32
_cell.angle_gamma   90.00
#
_symmetry.space_group_name_H-M   'P 1 21 1'
#
loop_
_entity.id
_entity.type
_entity.pdbx_description
1 polymer 'Cytochrome c4'
2 non-polymer 'HEME C'
3 non-polymer GLYCEROL
4 non-polymer 2-AMINO-2-HYDROXYMETHYL-PROPANE-1,3-DIOL
5 water water
#
_entity_poly.entity_id   1
_entity_poly.type   'polypeptide(L)'
_entity_poly.pdbx_seq_one_letter_code
;AGDAEAGQGKVAVCGACHGVDGNSPAPNFPKLAGQGERYLLKQLQDIKAGSTPGAPEGVGRKVLEMTGMLDPLSDQDLED
IAAYFSSQKGSVGYADPALAKQGEKLFRGGKLDQGMPACTGCHAPNGVGNDLAGFPKLGGQHAAYTAKQLTDFREGNRTN
DGDTMIMRGVAAKLSNKDIEALSSYIQGLH
;
_entity_poly.pdbx_strand_id   A,B,C,D
#
loop_
_chem_comp.id
_chem_comp.type
_chem_comp.name
_chem_comp.formula
GOL non-polymer GLYCEROL 'C3 H8 O3'
HEC non-polymer 'HEME C' 'C34 H34 Fe N4 O4'
TRS non-polymer 2-AMINO-2-HYDROXYMETHYL-PROPANE-1,3-DIOL 'C4 H12 N O3 1'
#
# COMPACT_ATOMS: atom_id res chain seq x y z
N ALA A 1 -0.66 -0.27 -24.13
CA ALA A 1 0.79 -0.30 -24.20
C ALA A 1 1.42 -0.37 -22.81
N GLY A 2 2.52 -1.09 -22.72
CA GLY A 2 3.22 -1.30 -21.48
C GLY A 2 4.37 -0.35 -21.21
N ASP A 3 4.80 -0.37 -19.98
CA ASP A 3 5.92 0.40 -19.49
C ASP A 3 7.16 -0.51 -19.53
N ALA A 4 8.08 -0.38 -20.47
CA ALA A 4 9.22 -1.26 -20.60
C ALA A 4 10.08 -1.28 -19.36
N GLU A 5 10.33 -0.13 -18.77
CA GLU A 5 11.17 -0.06 -17.57
C GLU A 5 10.55 -0.86 -16.43
N ALA A 6 9.23 -0.75 -16.29
CA ALA A 6 8.54 -1.53 -15.28
C ALA A 6 8.65 -3.02 -15.62
N GLY A 7 8.54 -3.40 -16.90
CA GLY A 7 8.61 -4.81 -17.24
C GLY A 7 10.00 -5.36 -16.98
N GLN A 8 11.04 -4.55 -17.06
CA GLN A 8 12.39 -5.02 -16.81
C GLN A 8 12.53 -5.64 -15.42
N GLY A 9 11.68 -5.19 -14.50
CA GLY A 9 11.69 -5.68 -13.15
C GLY A 9 10.79 -6.86 -12.85
N LYS A 10 10.07 -7.33 -13.86
CA LYS A 10 9.08 -8.38 -13.66
C LYS A 10 9.45 -9.67 -14.37
N VAL A 11 10.71 -9.84 -14.72
CA VAL A 11 11.06 -10.99 -15.57
C VAL A 11 12.20 -11.81 -15.00
N ALA A 12 12.47 -11.74 -13.72
CA ALA A 12 13.55 -12.53 -13.15
C ALA A 12 13.39 -14.02 -13.39
N VAL A 13 12.21 -14.57 -13.20
CA VAL A 13 12.06 -16.01 -13.39
C VAL A 13 12.26 -16.43 -14.82
N CYS A 14 12.01 -15.53 -15.75
CA CYS A 14 12.14 -15.81 -17.18
C CYS A 14 13.57 -15.97 -17.64
N GLY A 15 14.51 -15.39 -16.93
CA GLY A 15 15.84 -15.15 -17.42
C GLY A 15 16.64 -16.38 -17.76
N ALA A 16 16.54 -17.39 -16.91
CA ALA A 16 17.26 -18.65 -17.09
C ALA A 16 17.03 -19.22 -18.48
N CYS A 17 15.80 -19.15 -18.97
CA CYS A 17 15.42 -19.71 -20.24
C CYS A 17 15.51 -18.72 -21.40
N HIS A 18 14.87 -17.57 -21.28
CA HIS A 18 14.79 -16.63 -22.39
C HIS A 18 15.97 -15.67 -22.48
N GLY A 19 16.80 -15.65 -21.43
CA GLY A 19 17.87 -14.66 -21.33
C GLY A 19 17.37 -13.37 -20.73
N VAL A 20 18.26 -12.60 -20.13
CA VAL A 20 17.83 -11.39 -19.45
C VAL A 20 17.20 -10.37 -20.37
N ASP A 21 17.68 -10.33 -21.61
CA ASP A 21 17.22 -9.41 -22.65
C ASP A 21 16.33 -10.07 -23.68
N GLY A 22 16.01 -11.35 -23.50
CA GLY A 22 15.17 -12.09 -24.43
C GLY A 22 15.91 -12.75 -25.59
N ASN A 23 17.23 -12.82 -25.51
CA ASN A 23 18.08 -13.52 -26.46
C ASN A 23 18.73 -14.58 -25.59
C ASN A 23 18.89 -14.73 -26.09
N SER A 24 18.38 -15.81 -25.64
CA SER A 24 19.18 -16.92 -25.15
C SER A 24 19.61 -17.79 -26.32
N PRO A 25 20.74 -18.48 -26.26
CA PRO A 25 21.11 -19.45 -27.29
C PRO A 25 20.34 -20.76 -27.22
N ALA A 26 19.52 -20.99 -26.21
CA ALA A 26 18.81 -22.24 -26.05
C ALA A 26 17.86 -22.44 -27.23
N PRO A 27 18.14 -23.44 -28.03
CA PRO A 27 17.43 -23.48 -29.33
C PRO A 27 15.94 -23.75 -29.25
N ASN A 28 15.43 -24.29 -28.17
CA ASN A 28 13.99 -24.54 -28.14
C ASN A 28 13.21 -23.47 -27.44
N PHE A 29 13.95 -22.53 -26.88
CA PHE A 29 13.28 -21.43 -26.18
C PHE A 29 13.23 -20.23 -27.08
N PRO A 30 12.04 -19.73 -27.42
CA PRO A 30 12.01 -18.65 -28.43
C PRO A 30 12.71 -17.40 -27.90
N LYS A 31 13.40 -16.72 -28.79
CA LYS A 31 13.89 -15.38 -28.54
C LYS A 31 12.67 -14.45 -28.51
N LEU A 32 12.62 -13.60 -27.51
CA LEU A 32 11.58 -12.61 -27.31
C LEU A 32 12.03 -11.20 -27.66
N ALA A 33 13.34 -10.97 -27.71
CA ALA A 33 13.88 -9.65 -27.90
C ALA A 33 13.45 -9.11 -29.26
N GLY A 34 12.87 -7.93 -29.25
CA GLY A 34 12.53 -7.23 -30.47
C GLY A 34 11.26 -7.73 -31.13
N GLN A 35 10.59 -8.69 -30.48
CA GLN A 35 9.29 -9.14 -30.98
C GLN A 35 8.30 -8.01 -30.86
N GLY A 36 7.26 -8.04 -31.69
CA GLY A 36 6.26 -7.01 -31.54
C GLY A 36 5.49 -7.08 -30.22
N GLU A 37 5.23 -5.89 -29.65
CA GLU A 37 4.58 -5.83 -28.36
C GLU A 37 3.19 -6.43 -28.35
N ARG A 38 2.38 -6.14 -29.36
CA ARG A 38 1.03 -6.66 -29.39
C ARG A 38 1.04 -8.18 -29.43
N TYR A 39 1.87 -8.77 -30.26
CA TYR A 39 2.03 -10.20 -30.38
C TYR A 39 2.46 -10.78 -29.04
N LEU A 40 3.49 -10.18 -28.42
CA LEU A 40 3.96 -10.73 -27.14
C LEU A 40 2.83 -10.65 -26.13
N LEU A 41 2.08 -9.57 -26.07
CA LEU A 41 1.02 -9.47 -25.08
C LEU A 41 -0.01 -10.57 -25.34
N LYS A 42 -0.42 -10.75 -26.61
CA LYS A 42 -1.39 -11.83 -26.88
C LYS A 42 -0.88 -13.19 -26.42
N GLN A 43 0.39 -13.46 -26.73
CA GLN A 43 0.91 -14.75 -26.33
C GLN A 43 0.96 -14.88 -24.81
N LEU A 44 1.40 -13.84 -24.12
CA LEU A 44 1.38 -13.92 -22.66
C LEU A 44 0.00 -14.21 -22.13
N GLN A 45 -1.01 -13.54 -22.64
CA GLN A 45 -2.37 -13.76 -22.20
C GLN A 45 -2.81 -15.21 -22.50
N ASP A 46 -2.49 -15.69 -23.68
CA ASP A 46 -2.93 -17.00 -24.13
C ASP A 46 -2.20 -18.06 -23.31
N ILE A 47 -0.91 -17.86 -23.08
CA ILE A 47 -0.10 -18.81 -22.31
C ILE A 47 -0.57 -18.86 -20.87
N LYS A 48 -0.86 -17.69 -20.31
CA LYS A 48 -1.36 -17.64 -18.95
C LYS A 48 -2.64 -18.46 -18.82
N ALA A 49 -3.60 -18.25 -19.75
CA ALA A 49 -4.86 -18.95 -19.67
C ALA A 49 -4.70 -20.45 -19.94
N GLY A 50 -3.84 -20.84 -20.87
CA GLY A 50 -3.82 -22.27 -21.17
C GLY A 50 -2.85 -23.06 -20.33
N SER A 51 -1.98 -22.37 -19.61
CA SER A 51 -0.93 -23.03 -18.85
C SER A 51 -1.13 -22.99 -17.35
N THR A 52 -2.32 -22.54 -16.94
CA THR A 52 -2.50 -22.51 -15.48
C THR A 52 -2.92 -23.89 -15.03
N PRO A 53 -2.56 -24.34 -13.84
CA PRO A 53 -3.02 -25.66 -13.40
C PRO A 53 -4.55 -25.77 -13.48
N GLY A 54 -5.07 -26.80 -14.11
CA GLY A 54 -6.50 -27.01 -14.21
C GLY A 54 -7.21 -26.22 -15.29
N ALA A 55 -6.43 -25.57 -16.14
CA ALA A 55 -6.97 -24.84 -17.27
C ALA A 55 -7.91 -25.70 -18.09
N PRO A 56 -8.98 -25.13 -18.63
CA PRO A 56 -9.87 -25.94 -19.45
C PRO A 56 -9.12 -26.37 -20.70
N GLU A 57 -9.27 -27.63 -21.12
CA GLU A 57 -8.50 -28.09 -22.28
C GLU A 57 -8.91 -27.32 -23.53
N GLY A 58 -7.92 -27.03 -24.37
CA GLY A 58 -8.06 -26.32 -25.61
C GLY A 58 -8.13 -24.82 -25.53
N VAL A 59 -8.09 -24.27 -24.33
CA VAL A 59 -8.12 -22.81 -24.17
C VAL A 59 -6.71 -22.25 -24.30
N GLY A 60 -6.55 -21.12 -24.94
CA GLY A 60 -5.29 -20.42 -24.94
C GLY A 60 -4.17 -21.24 -25.55
N ARG A 61 -2.98 -21.15 -24.96
CA ARG A 61 -1.77 -21.82 -25.43
C ARG A 61 -1.09 -22.49 -24.24
N LYS A 62 -0.99 -23.81 -24.27
CA LYS A 62 -0.46 -24.52 -23.12
C LYS A 62 1.02 -24.78 -23.29
N VAL A 63 1.84 -24.06 -22.57
CA VAL A 63 3.31 -24.20 -22.61
C VAL A 63 3.70 -24.94 -21.35
N LEU A 64 4.10 -26.18 -21.58
CA LEU A 64 4.38 -27.07 -20.44
C LEU A 64 5.48 -26.49 -19.57
N GLU A 65 6.49 -25.88 -20.19
CA GLU A 65 7.66 -25.36 -19.52
C GLU A 65 7.35 -24.10 -18.73
N MET A 66 6.14 -23.56 -18.86
CA MET A 66 5.74 -22.32 -18.19
C MET A 66 4.49 -22.47 -17.35
N THR A 67 4.19 -23.68 -16.92
CA THR A 67 2.99 -23.92 -16.12
C THR A 67 2.95 -23.02 -14.90
N GLY A 68 1.84 -22.29 -14.78
CA GLY A 68 1.57 -21.46 -13.63
C GLY A 68 2.38 -20.19 -13.52
N MET A 69 3.36 -20.01 -14.42
CA MET A 69 4.33 -18.98 -14.27
C MET A 69 3.78 -17.55 -14.33
N LEU A 70 2.80 -17.41 -15.22
CA LEU A 70 2.24 -16.08 -15.42
C LEU A 70 1.05 -15.83 -14.53
N ASP A 71 0.68 -16.82 -13.73
CA ASP A 71 -0.52 -16.66 -12.91
C ASP A 71 -0.50 -15.48 -11.98
N PRO A 72 0.59 -15.13 -11.32
CA PRO A 72 0.48 -13.99 -10.40
C PRO A 72 0.50 -12.65 -11.11
N LEU A 73 0.61 -12.63 -12.42
CA LEU A 73 0.81 -11.35 -13.11
C LEU A 73 -0.50 -10.78 -13.64
N SER A 74 -0.68 -9.48 -13.37
CA SER A 74 -1.90 -8.87 -13.85
C SER A 74 -1.78 -8.52 -15.33
N ASP A 75 -2.88 -8.07 -15.91
CA ASP A 75 -2.88 -7.66 -17.29
C ASP A 75 -1.82 -6.60 -17.58
N GLN A 76 -1.74 -5.60 -16.73
CA GLN A 76 -0.80 -4.51 -16.89
C GLN A 76 0.63 -5.02 -16.75
N ASP A 77 0.90 -5.95 -15.87
CA ASP A 77 2.20 -6.59 -15.76
C ASP A 77 2.54 -7.27 -17.08
N LEU A 78 1.63 -8.02 -17.67
CA LEU A 78 1.91 -8.60 -18.96
C LEU A 78 2.19 -7.56 -20.02
N GLU A 79 1.49 -6.44 -20.01
CA GLU A 79 1.82 -5.41 -20.99
C GLU A 79 3.23 -4.84 -20.81
N ASP A 80 3.59 -4.68 -19.55
CA ASP A 80 4.91 -4.14 -19.21
C ASP A 80 6.01 -5.10 -19.65
N ILE A 81 5.77 -6.38 -19.41
CA ILE A 81 6.70 -7.41 -19.87
C ILE A 81 6.80 -7.44 -21.37
N ALA A 82 5.69 -7.36 -22.07
CA ALA A 82 5.71 -7.30 -23.54
C ALA A 82 6.50 -6.10 -24.02
N ALA A 83 6.27 -4.94 -23.41
CA ALA A 83 7.00 -3.73 -23.78
C ALA A 83 8.48 -3.91 -23.52
N TYR A 84 8.85 -4.52 -22.42
CA TYR A 84 10.26 -4.72 -22.10
C TYR A 84 10.96 -5.56 -23.17
N PHE A 85 10.43 -6.77 -23.46
CA PHE A 85 11.13 -7.57 -24.48
C PHE A 85 11.07 -6.92 -25.87
N SER A 86 9.94 -6.29 -26.22
CA SER A 86 9.89 -5.68 -27.54
C SER A 86 10.94 -4.60 -27.72
N SER A 87 11.32 -3.93 -26.64
CA SER A 87 12.31 -2.86 -26.64
C SER A 87 13.74 -3.32 -26.82
N GLN A 88 13.96 -4.61 -26.67
CA GLN A 88 15.30 -5.18 -26.74
C GLN A 88 15.65 -5.44 -28.20
N LYS A 89 16.95 -5.65 -28.42
CA LYS A 89 17.47 -5.85 -29.75
C LYS A 89 17.51 -7.30 -30.13
N GLY A 90 16.85 -7.69 -31.20
CA GLY A 90 16.86 -9.06 -31.67
C GLY A 90 18.21 -9.42 -32.28
N SER A 91 18.47 -10.68 -32.40
CA SER A 91 19.68 -11.21 -33.01
C SER A 91 19.34 -12.14 -34.18
N VAL A 92 20.27 -12.38 -35.04
CA VAL A 92 20.16 -13.23 -36.21
C VAL A 92 21.07 -14.44 -36.03
N GLY A 93 20.67 -15.60 -36.49
CA GLY A 93 21.43 -16.82 -36.40
C GLY A 93 21.81 -17.36 -37.78
N TYR A 94 22.12 -18.62 -37.86
CA TYR A 94 22.73 -19.32 -38.98
C TYR A 94 21.68 -19.93 -39.91
N ALA A 95 21.80 -19.64 -41.19
CA ALA A 95 21.01 -20.25 -42.21
C ALA A 95 21.89 -21.14 -43.09
N ASP A 96 21.86 -22.42 -42.84
CA ASP A 96 22.61 -23.40 -43.60
C ASP A 96 22.07 -23.45 -45.01
N PRO A 97 22.85 -23.12 -46.04
CA PRO A 97 22.31 -23.15 -47.39
C PRO A 97 21.76 -24.51 -47.83
N ALA A 98 22.24 -25.61 -47.24
CA ALA A 98 21.70 -26.91 -47.64
C ALA A 98 20.20 -27.02 -47.37
N LEU A 99 19.74 -26.22 -46.41
CA LEU A 99 18.32 -26.20 -46.08
C LEU A 99 17.66 -24.92 -46.51
N ALA A 100 18.36 -23.80 -46.35
CA ALA A 100 17.78 -22.45 -46.45
C ALA A 100 17.51 -22.07 -47.90
N LYS A 101 18.12 -22.71 -48.89
CA LYS A 101 17.81 -22.40 -50.28
C LYS A 101 16.33 -22.78 -50.56
N GLN A 102 15.95 -23.99 -50.22
CA GLN A 102 14.58 -24.42 -50.35
C GLN A 102 13.69 -23.65 -49.40
N GLY A 103 14.18 -23.34 -48.22
CA GLY A 103 13.40 -22.58 -47.26
C GLY A 103 12.99 -21.23 -47.80
N GLU A 104 13.95 -20.58 -48.48
CA GLU A 104 13.66 -19.29 -49.11
C GLU A 104 12.61 -19.42 -50.19
N LYS A 105 12.72 -20.41 -51.08
CA LYS A 105 11.73 -20.55 -52.12
C LYS A 105 10.33 -20.71 -51.51
N LEU A 106 10.20 -21.50 -50.45
CA LEU A 106 8.89 -21.65 -49.82
C LEU A 106 8.41 -20.35 -49.18
N PHE A 107 9.36 -19.69 -48.50
CA PHE A 107 8.99 -18.47 -47.78
C PHE A 107 8.46 -17.40 -48.73
N ARG A 108 9.12 -17.22 -49.88
CA ARG A 108 8.75 -16.20 -50.86
C ARG A 108 7.67 -16.64 -51.82
N GLY A 109 7.59 -17.96 -52.07
CA GLY A 109 6.72 -18.43 -53.13
C GLY A 109 5.53 -19.22 -52.68
N GLY A 110 5.51 -19.73 -51.45
CA GLY A 110 4.44 -20.59 -51.04
C GLY A 110 4.48 -21.93 -51.75
N LYS A 111 3.31 -22.55 -51.77
CA LYS A 111 3.08 -23.81 -52.49
C LYS A 111 1.76 -23.62 -53.20
N LEU A 112 1.81 -22.88 -54.33
CA LEU A 112 0.50 -22.46 -54.85
C LEU A 112 -0.25 -23.65 -55.44
N ASP A 113 0.48 -24.68 -55.85
CA ASP A 113 -0.11 -25.92 -56.31
C ASP A 113 -1.09 -26.49 -55.29
N GLN A 114 -0.85 -26.28 -54.01
CA GLN A 114 -1.61 -26.75 -52.87
C GLN A 114 -2.33 -25.63 -52.16
N GLY A 115 -2.34 -24.46 -52.78
CA GLY A 115 -3.12 -23.34 -52.28
C GLY A 115 -2.48 -22.66 -51.09
N MET A 116 -1.22 -22.95 -50.79
CA MET A 116 -0.60 -22.38 -49.62
C MET A 116 0.12 -21.08 -49.98
N PRO A 117 -0.23 -20.00 -49.31
CA PRO A 117 0.42 -18.72 -49.61
C PRO A 117 1.88 -18.68 -49.15
N ALA A 118 2.60 -17.76 -49.78
CA ALA A 118 3.90 -17.34 -49.31
C ALA A 118 3.76 -16.74 -47.91
N CYS A 119 4.85 -16.72 -47.18
CA CYS A 119 4.92 -16.19 -45.85
C CYS A 119 5.19 -14.69 -45.79
N THR A 120 5.74 -14.16 -46.89
CA THR A 120 6.19 -12.78 -46.92
C THR A 120 5.08 -11.76 -46.81
N GLY A 121 3.86 -12.12 -47.16
CA GLY A 121 2.78 -11.14 -47.18
C GLY A 121 2.37 -10.67 -45.81
N CYS A 122 2.51 -11.58 -44.83
CA CYS A 122 2.19 -11.27 -43.45
C CYS A 122 3.43 -11.08 -42.57
N HIS A 123 4.47 -11.87 -42.82
CA HIS A 123 5.65 -11.82 -41.97
C HIS A 123 6.80 -10.98 -42.53
N ALA A 124 6.61 -10.43 -43.72
CA ALA A 124 7.47 -9.50 -44.42
C ALA A 124 8.62 -10.23 -45.11
N PRO A 125 9.17 -9.62 -46.18
CA PRO A 125 10.29 -10.27 -46.87
C PRO A 125 11.54 -10.47 -46.07
N ASN A 126 11.72 -9.64 -45.04
CA ASN A 126 12.85 -9.77 -44.12
C ASN A 126 12.41 -10.35 -42.77
N GLY A 127 11.22 -10.90 -42.68
CA GLY A 127 10.70 -11.54 -41.49
C GLY A 127 10.39 -10.68 -40.31
N VAL A 128 10.28 -9.35 -40.48
CA VAL A 128 10.05 -8.50 -39.34
C VAL A 128 8.63 -8.53 -38.84
N GLY A 129 7.71 -9.18 -39.52
CA GLY A 129 6.32 -9.22 -39.08
C GLY A 129 5.63 -7.89 -39.37
N ASN A 130 4.49 -7.76 -38.72
CA ASN A 130 3.64 -6.58 -38.83
C ASN A 130 3.06 -6.32 -37.46
N ASP A 131 3.73 -5.58 -36.55
CA ASP A 131 3.12 -5.77 -35.22
C ASP A 131 1.81 -5.02 -35.09
N LEU A 132 1.61 -3.96 -35.89
CA LEU A 132 0.32 -3.29 -35.72
C LEU A 132 -0.81 -4.21 -36.08
N ALA A 133 -0.52 -5.17 -36.98
CA ALA A 133 -1.53 -6.21 -37.20
C ALA A 133 -1.44 -7.32 -36.16
N GLY A 134 -0.33 -7.47 -35.45
CA GLY A 134 -0.09 -8.62 -34.59
C GLY A 134 0.48 -9.83 -35.32
N PHE A 135 1.11 -9.65 -36.46
CA PHE A 135 1.77 -10.79 -37.13
C PHE A 135 3.21 -10.77 -36.61
N PRO A 136 3.59 -11.88 -35.99
CA PRO A 136 4.89 -11.86 -35.34
C PRO A 136 6.09 -11.75 -36.28
N LYS A 137 7.11 -11.13 -35.69
CA LYS A 137 8.46 -11.22 -36.24
C LYS A 137 8.94 -12.65 -36.17
N LEU A 138 9.47 -13.13 -37.27
CA LEU A 138 10.09 -14.45 -37.38
C LEU A 138 11.60 -14.38 -37.59
N GLY A 139 12.10 -13.35 -38.26
CA GLY A 139 13.51 -13.32 -38.61
C GLY A 139 14.44 -13.48 -37.44
N GLY A 140 15.42 -14.36 -37.61
CA GLY A 140 16.38 -14.62 -36.59
C GLY A 140 15.94 -15.60 -35.55
N GLN A 141 14.71 -16.06 -35.56
CA GLN A 141 14.26 -16.97 -34.51
C GLN A 141 14.99 -18.29 -34.57
N HIS A 142 15.16 -18.93 -33.38
CA HIS A 142 15.74 -20.28 -33.36
C HIS A 142 14.92 -21.24 -34.23
N ALA A 143 15.65 -21.97 -35.08
CA ALA A 143 15.03 -22.92 -36.01
C ALA A 143 14.23 -24.00 -35.30
N ALA A 144 14.76 -24.58 -34.24
CA ALA A 144 14.02 -25.63 -33.55
C ALA A 144 12.70 -25.12 -33.01
N TYR A 145 12.66 -23.91 -32.50
CA TYR A 145 11.42 -23.27 -32.05
C TYR A 145 10.44 -23.10 -33.20
N THR A 146 10.91 -22.45 -34.27
CA THR A 146 10.05 -22.20 -35.40
C THR A 146 9.47 -23.50 -35.92
N ALA A 147 10.30 -24.51 -36.02
CA ALA A 147 9.90 -25.81 -36.55
C ALA A 147 8.81 -26.43 -35.71
N LYS A 148 8.96 -26.32 -34.39
CA LYS A 148 7.98 -26.84 -33.47
C LYS A 148 6.65 -26.09 -33.63
N GLN A 149 6.67 -24.77 -33.85
CA GLN A 149 5.44 -24.03 -34.01
C GLN A 149 4.72 -24.46 -35.28
N LEU A 150 5.48 -24.57 -36.36
CA LEU A 150 4.82 -24.97 -37.62
C LEU A 150 4.25 -26.36 -37.48
N THR A 151 4.98 -27.27 -36.85
CA THR A 151 4.50 -28.63 -36.61
C THR A 151 3.25 -28.63 -35.72
N ASP A 152 3.29 -27.80 -34.65
CA ASP A 152 2.16 -27.73 -33.74
C ASP A 152 0.94 -27.12 -34.43
N PHE A 153 1.13 -26.11 -35.29
CA PHE A 153 -0.04 -25.58 -36.03
C PHE A 153 -0.59 -26.63 -36.98
N ARG A 154 0.27 -27.36 -37.64
CA ARG A 154 -0.16 -28.41 -38.56
C ARG A 154 -0.93 -29.50 -37.81
N GLU A 155 -0.46 -29.87 -36.64
CA GLU A 155 -1.02 -31.04 -35.94
C GLU A 155 -2.13 -30.68 -34.98
N GLY A 156 -2.48 -29.39 -34.89
CA GLY A 156 -3.51 -28.95 -33.98
C GLY A 156 -3.12 -28.90 -32.53
N ASN A 157 -1.84 -28.84 -32.22
CA ASN A 157 -1.37 -28.69 -30.85
C ASN A 157 -1.35 -27.22 -30.41
N ARG A 158 -1.17 -26.35 -31.39
CA ARG A 158 -1.26 -24.92 -31.15
C ARG A 158 -2.50 -24.38 -31.91
N THR A 159 -3.43 -23.84 -31.14
CA THR A 159 -4.71 -23.42 -31.69
C THR A 159 -5.07 -22.01 -31.29
N ASN A 160 -4.13 -21.23 -30.78
CA ASN A 160 -4.43 -19.88 -30.37
C ASN A 160 -4.38 -18.89 -31.53
N ASP A 161 -4.45 -19.38 -32.74
CA ASP A 161 -4.69 -18.54 -33.90
C ASP A 161 -6.18 -18.44 -34.19
N GLY A 162 -7.11 -18.81 -33.30
CA GLY A 162 -8.52 -18.82 -33.54
C GLY A 162 -9.17 -17.53 -33.95
N ASP A 163 -8.71 -16.40 -33.60
CA ASP A 163 -9.18 -15.09 -33.97
C ASP A 163 -9.02 -14.87 -35.48
N THR A 164 -8.05 -15.55 -36.05
CA THR A 164 -7.83 -15.35 -37.48
C THR A 164 -7.99 -16.64 -38.29
N MET A 165 -7.75 -17.80 -37.72
CA MET A 165 -7.70 -19.12 -38.36
C MET A 165 -6.62 -19.27 -39.41
N ILE A 166 -5.57 -18.48 -39.45
CA ILE A 166 -4.59 -18.39 -40.49
C ILE A 166 -3.58 -19.50 -40.39
N MET A 167 -2.88 -19.62 -39.30
CA MET A 167 -1.70 -20.49 -39.33
C MET A 167 -2.05 -21.95 -39.36
N ARG A 168 -3.17 -22.38 -38.74
CA ARG A 168 -3.58 -23.77 -38.89
C ARG A 168 -3.72 -24.16 -40.38
N GLY A 169 -4.26 -23.22 -41.16
CA GLY A 169 -4.51 -23.49 -42.57
C GLY A 169 -3.24 -23.49 -43.41
N VAL A 170 -2.32 -22.60 -43.10
CA VAL A 170 -1.04 -22.50 -43.79
C VAL A 170 -0.26 -23.75 -43.51
N ALA A 171 -0.07 -24.07 -42.25
CA ALA A 171 0.81 -25.15 -41.81
C ALA A 171 0.30 -26.52 -42.21
N ALA A 172 -0.99 -26.68 -42.44
CA ALA A 172 -1.58 -27.91 -42.91
C ALA A 172 -0.89 -28.38 -44.19
N LYS A 173 -0.36 -27.48 -45.03
CA LYS A 173 0.21 -27.91 -46.32
C LYS A 173 1.70 -28.15 -46.22
N LEU A 174 2.34 -28.07 -45.07
CA LEU A 174 3.79 -28.20 -44.94
C LEU A 174 4.21 -29.60 -44.57
N SER A 175 5.18 -30.14 -45.30
CA SER A 175 5.82 -31.39 -44.92
C SER A 175 6.88 -31.13 -43.86
N ASN A 176 7.37 -32.25 -43.28
CA ASN A 176 8.47 -32.12 -42.30
C ASN A 176 9.67 -31.46 -42.97
N LYS A 177 10.00 -31.84 -44.21
CA LYS A 177 11.16 -31.25 -44.89
C LYS A 177 10.91 -29.76 -45.11
N ASP A 178 9.68 -29.39 -45.50
CA ASP A 178 9.34 -27.98 -45.74
C ASP A 178 9.57 -27.19 -44.44
N ILE A 179 9.14 -27.75 -43.32
CA ILE A 179 9.27 -27.07 -42.04
C ILE A 179 10.73 -26.90 -41.67
N GLU A 180 11.53 -27.93 -41.83
CA GLU A 180 12.96 -27.81 -41.54
C GLU A 180 13.61 -26.72 -42.40
N ALA A 181 13.26 -26.70 -43.70
CA ALA A 181 13.82 -25.75 -44.63
C ALA A 181 13.46 -24.31 -44.29
N LEU A 182 12.16 -24.10 -44.07
CA LEU A 182 11.67 -22.78 -43.67
C LEU A 182 12.34 -22.29 -42.42
N SER A 183 12.42 -23.16 -41.42
CA SER A 183 12.97 -22.76 -40.14
C SER A 183 14.43 -22.36 -40.21
N SER A 184 15.18 -23.07 -41.01
CA SER A 184 16.59 -22.75 -41.28
C SER A 184 16.71 -21.39 -41.94
N TYR A 185 15.94 -21.16 -43.00
CA TYR A 185 15.99 -19.88 -43.69
C TYR A 185 15.65 -18.71 -42.74
N ILE A 186 14.57 -18.92 -41.99
CA ILE A 186 14.08 -17.88 -41.08
C ILE A 186 15.15 -17.55 -40.04
N GLN A 187 15.89 -18.52 -39.56
CA GLN A 187 16.90 -18.28 -38.52
C GLN A 187 17.96 -17.26 -38.98
N GLY A 188 18.30 -17.21 -40.25
CA GLY A 188 19.26 -16.27 -40.78
C GLY A 188 18.67 -15.03 -41.40
N LEU A 189 17.36 -14.87 -41.35
CA LEU A 189 16.69 -13.81 -42.10
C LEU A 189 16.63 -12.49 -41.37
N HIS A 190 17.02 -11.42 -42.10
CA HIS A 190 16.85 -10.05 -41.64
C HIS A 190 16.84 -9.08 -42.83
N ALA B 1 -7.67 24.35 17.56
CA ALA B 1 -6.24 24.03 17.51
C ALA B 1 -5.64 23.90 18.90
N GLY B 2 -4.69 22.98 19.05
CA GLY B 2 -4.03 22.78 20.31
C GLY B 2 -2.81 23.66 20.53
N ASP B 3 -2.40 23.68 21.79
CA ASP B 3 -1.24 24.40 22.31
C ASP B 3 -0.05 23.44 22.33
N ALA B 4 0.86 23.58 21.37
CA ALA B 4 1.94 22.61 21.22
C ALA B 4 2.86 22.66 22.44
N GLU B 5 3.14 23.85 22.95
CA GLU B 5 3.99 23.94 24.13
C GLU B 5 3.39 23.20 25.32
N ALA B 6 2.08 23.31 25.50
CA ALA B 6 1.44 22.56 26.58
C ALA B 6 1.51 21.08 26.28
N GLY B 7 1.32 20.68 25.03
CA GLY B 7 1.34 19.27 24.68
C GLY B 7 2.66 18.62 24.99
N GLN B 8 3.73 19.41 24.91
CA GLN B 8 5.06 18.87 25.14
C GLN B 8 5.14 18.23 26.51
N GLY B 9 4.36 18.78 27.45
CA GLY B 9 4.34 18.27 28.81
C GLY B 9 3.42 17.11 29.08
N LYS B 10 2.74 16.60 28.06
CA LYS B 10 1.69 15.61 28.27
C LYS B 10 1.96 14.28 27.59
N VAL B 11 3.24 14.04 27.27
CA VAL B 11 3.60 12.90 26.44
C VAL B 11 4.70 12.05 27.03
N ALA B 12 4.96 12.11 28.36
CA ALA B 12 6.09 11.34 28.86
C ALA B 12 5.94 9.83 28.62
N VAL B 13 4.74 9.31 28.86
CA VAL B 13 4.52 7.88 28.72
C VAL B 13 4.68 7.42 27.26
N CYS B 14 4.45 8.33 26.34
CA CYS B 14 4.49 7.99 24.91
C CYS B 14 5.90 7.79 24.43
N GLY B 15 6.87 8.33 25.17
CA GLY B 15 8.21 8.46 24.63
C GLY B 15 8.92 7.14 24.39
N ALA B 16 8.72 6.13 25.23
CA ALA B 16 9.39 4.84 25.04
C ALA B 16 9.13 4.28 23.64
N CYS B 17 7.94 4.51 23.12
CA CYS B 17 7.53 3.95 21.82
C CYS B 17 7.64 4.93 20.66
N HIS B 18 7.14 6.14 20.84
CA HIS B 18 7.12 7.08 19.69
C HIS B 18 8.27 8.07 19.68
N GLY B 19 9.07 8.04 20.71
CA GLY B 19 10.15 8.99 20.85
C GLY B 19 9.67 10.27 21.52
N VAL B 20 10.56 10.94 22.25
CA VAL B 20 10.19 12.18 22.93
C VAL B 20 9.62 13.23 21.98
N ASP B 21 10.15 13.24 20.74
CA ASP B 21 9.73 14.18 19.71
C ASP B 21 8.84 13.54 18.65
N GLY B 22 8.47 12.29 18.84
CA GLY B 22 7.67 11.59 17.86
C GLY B 22 8.40 10.91 16.76
N ASN B 23 9.72 10.83 16.85
CA ASN B 23 10.58 10.09 15.96
C ASN B 23 11.14 8.89 16.72
N SER B 24 10.58 7.72 16.58
CA SER B 24 11.19 6.59 17.28
C SER B 24 12.01 5.75 16.34
N PRO B 25 13.09 5.08 16.71
CA PRO B 25 13.75 4.21 15.71
C PRO B 25 13.02 2.89 15.54
N ALA B 26 12.22 2.51 16.54
CA ALA B 26 11.54 1.21 16.46
C ALA B 26 10.61 1.19 15.23
N PRO B 27 10.95 0.32 14.29
CA PRO B 27 10.29 0.37 12.97
C PRO B 27 8.80 0.06 13.01
N ASN B 28 8.32 -0.51 14.12
CA ASN B 28 6.93 -0.92 14.21
C ASN B 28 6.01 0.17 14.75
N PHE B 29 6.62 1.13 15.43
CA PHE B 29 5.86 2.20 16.06
C PHE B 29 5.84 3.35 15.11
N PRO B 30 4.67 3.88 14.78
CA PRO B 30 4.67 4.97 13.81
C PRO B 30 5.37 6.21 14.38
N LYS B 31 6.06 6.89 13.46
CA LYS B 31 6.51 8.23 13.70
C LYS B 31 5.28 9.14 13.74
N LEU B 32 5.23 10.03 14.73
CA LEU B 32 4.19 11.02 14.85
C LEU B 32 4.67 12.43 14.51
N ALA B 33 5.98 12.63 14.47
CA ALA B 33 6.53 13.97 14.30
C ALA B 33 6.17 14.50 12.93
N GLY B 34 5.58 15.70 12.91
CA GLY B 34 5.24 16.36 11.69
C GLY B 34 3.97 15.87 11.06
N GLN B 35 3.28 14.91 11.64
CA GLN B 35 1.99 14.46 11.18
C GLN B 35 0.97 15.60 11.31
N GLY B 36 -0.01 15.63 10.43
CA GLY B 36 -1.02 16.67 10.46
C GLY B 36 -1.77 16.68 11.78
N GLU B 37 -2.08 17.84 12.30
CA GLU B 37 -2.74 17.93 13.61
C GLU B 37 -4.13 17.33 13.60
N ARG B 38 -4.91 17.59 12.53
CA ARG B 38 -6.25 17.04 12.52
C ARG B 38 -6.19 15.52 12.52
N TYR B 39 -5.35 14.98 11.64
CA TYR B 39 -5.25 13.53 11.58
C TYR B 39 -4.83 12.96 12.94
N LEU B 40 -3.81 13.51 13.56
CA LEU B 40 -3.38 13.03 14.88
C LEU B 40 -4.52 13.08 15.89
N LEU B 41 -5.25 14.19 15.86
CA LEU B 41 -6.35 14.32 16.82
C LEU B 41 -7.38 13.23 16.61
N LYS B 42 -7.73 13.03 15.35
CA LYS B 42 -8.70 11.99 15.00
C LYS B 42 -8.25 10.61 15.46
N GLN B 43 -6.99 10.28 15.20
CA GLN B 43 -6.48 8.99 15.61
C GLN B 43 -6.43 8.91 17.13
N LEU B 44 -6.06 9.99 17.83
CA LEU B 44 -6.11 9.93 19.30
C LEU B 44 -7.52 9.63 19.77
N GLN B 45 -8.49 10.34 19.17
CA GLN B 45 -9.87 10.10 19.58
C GLN B 45 -10.33 8.66 19.31
N ASP B 46 -9.99 8.16 18.13
CA ASP B 46 -10.34 6.84 17.65
C ASP B 46 -9.69 5.78 18.53
N ILE B 47 -8.39 5.99 18.79
CA ILE B 47 -7.64 5.03 19.57
C ILE B 47 -8.14 5.03 21.01
N LYS B 48 -8.42 6.22 21.54
CA LYS B 48 -8.94 6.28 22.91
C LYS B 48 -10.24 5.52 23.03
N ALA B 49 -11.15 5.72 22.07
CA ALA B 49 -12.44 5.05 22.10
C ALA B 49 -12.32 3.56 21.90
N GLY B 50 -11.44 3.13 20.99
CA GLY B 50 -11.38 1.71 20.73
C GLY B 50 -10.45 0.92 21.63
N SER B 51 -9.58 1.62 22.34
CA SER B 51 -8.57 0.95 23.16
C SER B 51 -8.84 1.10 24.66
N THR B 52 -9.98 1.66 25.04
CA THR B 52 -10.24 1.74 26.48
C THR B 52 -10.60 0.35 26.99
N PRO B 53 -10.22 -0.04 28.20
CA PRO B 53 -10.57 -1.38 28.68
C PRO B 53 -12.08 -1.61 28.57
N GLY B 54 -12.45 -2.71 27.91
CA GLY B 54 -13.86 -3.03 27.78
C GLY B 54 -14.58 -2.26 26.70
N ALA B 55 -13.86 -1.61 25.79
CA ALA B 55 -14.49 -0.93 24.68
C ALA B 55 -15.30 -1.90 23.82
N PRO B 56 -16.35 -1.39 23.19
CA PRO B 56 -17.09 -2.23 22.27
C PRO B 56 -16.20 -2.63 21.10
N GLU B 57 -16.40 -3.87 20.65
CA GLU B 57 -15.58 -4.32 19.55
C GLU B 57 -15.97 -3.62 18.26
N GLY B 58 -14.96 -3.18 17.51
CA GLY B 58 -15.14 -2.60 16.19
C GLY B 58 -15.35 -1.10 16.18
N VAL B 59 -15.36 -0.48 17.35
CA VAL B 59 -15.43 0.95 17.52
C VAL B 59 -14.03 1.54 17.45
N GLY B 60 -13.91 2.69 16.80
CA GLY B 60 -12.68 3.43 16.71
C GLY B 60 -11.53 2.62 16.17
N ARG B 61 -10.39 2.73 16.85
CA ARG B 61 -9.20 1.98 16.43
C ARG B 61 -8.58 1.31 17.65
N LYS B 62 -8.56 -0.01 17.69
CA LYS B 62 -8.03 -0.73 18.85
C LYS B 62 -6.53 -0.95 18.69
N VAL B 63 -5.76 -0.25 19.53
CA VAL B 63 -4.33 -0.40 19.66
C VAL B 63 -4.03 -0.91 21.07
N LEU B 64 -3.84 -2.21 21.14
CA LEU B 64 -3.65 -2.88 22.41
C LEU B 64 -2.46 -2.32 23.17
N GLU B 65 -1.43 -1.94 22.39
CA GLU B 65 -0.23 -1.39 23.01
C GLU B 65 -0.47 -0.10 23.78
N MET B 66 -1.61 0.52 23.50
CA MET B 66 -2.02 1.79 24.06
C MET B 66 -3.26 1.69 24.95
N THR B 67 -3.59 0.48 25.37
CA THR B 67 -4.83 0.32 26.16
C THR B 67 -4.88 1.25 27.35
N GLY B 68 -5.94 2.02 27.47
CA GLY B 68 -6.24 2.82 28.64
C GLY B 68 -5.37 4.05 28.76
N MET B 69 -4.41 4.17 27.84
CA MET B 69 -3.40 5.22 27.93
C MET B 69 -3.94 6.63 27.76
N LEU B 70 -4.92 6.78 26.88
CA LEU B 70 -5.45 8.11 26.58
C LEU B 70 -6.62 8.44 27.46
N ASP B 71 -7.03 7.46 28.26
CA ASP B 71 -8.22 7.66 29.08
C ASP B 71 -8.18 8.84 30.01
N PRO B 72 -7.10 9.13 30.71
CA PRO B 72 -7.17 10.28 31.62
C PRO B 72 -7.04 11.62 30.89
N LEU B 73 -6.82 11.60 29.58
CA LEU B 73 -6.59 12.86 28.89
C LEU B 73 -7.90 13.43 28.34
N SER B 74 -8.05 14.74 28.52
CA SER B 74 -9.22 15.41 28.01
C SER B 74 -9.13 15.71 26.52
N ASP B 75 -10.25 16.14 25.94
CA ASP B 75 -10.24 16.57 24.56
C ASP B 75 -9.15 17.60 24.30
N GLN B 76 -9.04 18.55 25.23
CA GLN B 76 -8.10 19.63 24.99
C GLN B 76 -6.66 19.14 25.05
N ASP B 77 -6.43 18.21 25.98
CA ASP B 77 -5.11 17.59 26.06
C ASP B 77 -4.73 16.87 24.78
N LEU B 78 -5.71 16.18 24.20
CA LEU B 78 -5.45 15.46 22.95
C LEU B 78 -5.12 16.45 21.84
N GLU B 79 -5.80 17.60 21.85
CA GLU B 79 -5.50 18.59 20.81
C GLU B 79 -4.09 19.12 21.05
N ASP B 80 -3.77 19.34 22.34
CA ASP B 80 -2.42 19.82 22.69
C ASP B 80 -1.35 18.82 22.27
N ILE B 81 -1.62 17.55 22.53
CA ILE B 81 -0.67 16.52 22.08
C ILE B 81 -0.56 16.46 20.58
N ALA B 82 -1.69 16.53 19.85
CA ALA B 82 -1.62 16.60 18.40
C ALA B 82 -0.81 17.78 17.92
N ALA B 83 -1.06 18.96 18.49
CA ALA B 83 -0.30 20.14 18.09
C ALA B 83 1.20 19.92 18.35
N TYR B 84 1.51 19.33 19.49
CA TYR B 84 2.92 19.14 19.83
C TYR B 84 3.63 18.23 18.83
N PHE B 85 3.07 17.05 18.57
CA PHE B 85 3.75 16.17 17.62
C PHE B 85 3.75 16.81 16.24
N SER B 86 2.65 17.44 15.87
CA SER B 86 2.59 18.05 14.55
C SER B 86 3.70 19.09 14.40
N SER B 87 4.05 19.73 15.51
CA SER B 87 5.00 20.83 15.50
C SER B 87 6.44 20.35 15.34
N GLN B 88 6.63 19.04 15.52
CA GLN B 88 7.97 18.46 15.44
C GLN B 88 8.42 18.19 14.01
N LYS B 89 9.71 17.97 13.82
CA LYS B 89 10.28 17.67 12.51
C LYS B 89 10.45 16.18 12.31
N GLY B 90 9.82 15.63 11.27
CA GLY B 90 9.91 14.19 11.06
C GLY B 90 11.29 13.79 10.59
N SER B 91 11.83 12.69 11.10
CA SER B 91 13.12 12.20 10.66
C SER B 91 13.11 11.63 9.25
N VAL B 92 14.32 11.60 8.67
CA VAL B 92 14.49 11.05 7.34
C VAL B 92 14.36 9.52 7.32
N GLY B 93 14.01 9.00 6.17
CA GLY B 93 13.87 7.60 5.91
C GLY B 93 14.53 7.20 4.60
N TYR B 94 14.87 5.91 4.49
CA TYR B 94 15.57 5.44 3.30
C TYR B 94 14.69 4.55 2.42
N ALA B 95 14.73 4.80 1.12
CA ALA B 95 14.05 3.98 0.15
C ALA B 95 15.01 3.08 -0.61
N ASP B 96 14.84 1.77 -0.39
CA ASP B 96 15.58 0.72 -1.09
C ASP B 96 15.37 0.87 -2.58
N PRO B 97 16.39 1.21 -3.37
CA PRO B 97 16.14 1.42 -4.80
C PRO B 97 15.55 0.20 -5.52
N ALA B 98 15.79 -1.00 -5.04
CA ALA B 98 15.25 -2.19 -5.69
C ALA B 98 13.72 -2.20 -5.74
N LEU B 99 13.08 -1.49 -4.83
CA LEU B 99 11.63 -1.46 -4.76
C LEU B 99 11.07 -0.11 -5.17
N ALA B 100 11.90 0.89 -5.30
CA ALA B 100 11.59 2.29 -5.52
C ALA B 100 10.83 2.56 -6.81
N LYS B 101 11.19 1.87 -7.89
CA LYS B 101 10.55 2.14 -9.15
C LYS B 101 9.12 1.65 -9.09
N GLN B 102 8.92 0.43 -8.59
CA GLN B 102 7.55 -0.08 -8.55
C GLN B 102 6.74 0.75 -7.54
N GLY B 103 7.40 1.03 -6.40
CA GLY B 103 6.64 1.80 -5.40
C GLY B 103 6.20 3.16 -5.90
N GLU B 104 7.14 3.81 -6.61
CA GLU B 104 6.76 5.09 -7.18
C GLU B 104 5.65 4.91 -8.22
N LYS B 105 5.79 3.93 -9.10
CA LYS B 105 4.81 3.75 -10.16
C LYS B 105 3.41 3.59 -9.57
N LEU B 106 3.29 2.85 -8.49
CA LEU B 106 2.04 2.68 -7.78
C LEU B 106 1.56 3.96 -7.08
N PHE B 107 2.51 4.64 -6.44
CA PHE B 107 2.15 5.78 -5.64
C PHE B 107 1.56 6.87 -6.51
N ARG B 108 2.22 7.09 -7.67
CA ARG B 108 1.76 8.17 -8.54
C ARG B 108 0.76 7.75 -9.64
N GLY B 109 0.64 6.48 -9.89
CA GLY B 109 -0.11 5.97 -11.01
C GLY B 109 -1.27 5.08 -10.61
N GLY B 110 -1.26 4.54 -9.39
CA GLY B 110 -2.29 3.60 -9.03
C GLY B 110 -2.30 2.29 -9.79
N LYS B 111 -3.43 1.62 -9.87
CA LYS B 111 -3.59 0.41 -10.65
C LYS B 111 -4.95 0.57 -11.35
N LEU B 112 -4.95 1.38 -12.42
CA LEU B 112 -6.27 1.75 -12.91
C LEU B 112 -7.01 0.58 -13.52
N ASP B 113 -6.27 -0.42 -14.00
CA ASP B 113 -6.85 -1.63 -14.53
C ASP B 113 -7.74 -2.32 -13.50
N GLN B 114 -7.46 -2.09 -12.23
CA GLN B 114 -8.27 -2.69 -11.17
C GLN B 114 -9.01 -1.58 -10.43
N GLY B 115 -9.07 -0.41 -11.04
CA GLY B 115 -9.79 0.74 -10.51
C GLY B 115 -9.27 1.23 -9.17
N MET B 116 -7.95 1.10 -8.98
CA MET B 116 -7.33 1.63 -7.76
C MET B 116 -6.67 2.97 -8.09
N PRO B 117 -7.07 4.03 -7.40
CA PRO B 117 -6.44 5.32 -7.68
C PRO B 117 -5.01 5.37 -7.18
N ALA B 118 -4.30 6.34 -7.77
CA ALA B 118 -3.02 6.76 -7.24
C ALA B 118 -3.23 7.31 -5.84
N CYS B 119 -2.13 7.36 -5.10
CA CYS B 119 -2.15 7.80 -3.73
C CYS B 119 -2.00 9.31 -3.59
N THR B 120 -1.58 9.93 -4.69
CA THR B 120 -1.26 11.36 -4.66
C THR B 120 -2.43 12.31 -4.50
N GLY B 121 -3.66 12.04 -4.90
CA GLY B 121 -4.70 13.06 -4.76
C GLY B 121 -5.15 13.27 -3.33
N CYS B 122 -4.93 12.27 -2.49
CA CYS B 122 -5.29 12.44 -1.08
C CYS B 122 -4.07 12.64 -0.19
N HIS B 123 -2.94 12.01 -0.57
CA HIS B 123 -1.75 12.07 0.31
C HIS B 123 -0.64 12.97 -0.23
N ALA B 124 -0.83 13.61 -1.34
CA ALA B 124 0.04 14.56 -2.03
C ALA B 124 1.19 13.92 -2.80
N PRO B 125 1.71 14.61 -3.81
CA PRO B 125 2.77 14.02 -4.65
C PRO B 125 4.03 13.60 -3.89
N ASN B 126 4.36 14.34 -2.87
CA ASN B 126 5.47 14.13 -1.96
C ASN B 126 5.00 13.47 -0.67
N GLY B 127 3.76 13.01 -0.57
CA GLY B 127 3.27 12.29 0.60
C GLY B 127 3.06 13.14 1.84
N VAL B 128 2.91 14.45 1.70
CA VAL B 128 2.76 15.31 2.88
C VAL B 128 1.37 15.25 3.49
N GLY B 129 0.42 14.55 2.85
CA GLY B 129 -0.93 14.50 3.42
C GLY B 129 -1.74 15.71 2.97
N ASN B 130 -2.98 15.70 3.45
CA ASN B 130 -3.93 16.81 3.34
C ASN B 130 -4.27 17.18 4.76
N ASP B 131 -3.50 18.13 5.31
CA ASP B 131 -3.70 18.36 6.74
C ASP B 131 -5.10 18.90 7.02
N LEU B 132 -5.68 19.78 6.22
CA LEU B 132 -6.97 20.32 6.67
C LEU B 132 -8.09 19.32 6.58
N ALA B 133 -8.03 18.35 5.71
CA ALA B 133 -8.97 17.28 5.45
C ALA B 133 -8.77 16.12 6.42
N GLY B 134 -7.62 16.04 7.07
CA GLY B 134 -7.22 14.93 7.92
C GLY B 134 -6.77 13.69 7.19
N PHE B 135 -6.30 13.80 5.95
CA PHE B 135 -5.63 12.71 5.28
C PHE B 135 -4.12 12.77 5.61
N PRO B 136 -3.63 11.68 6.16
CA PRO B 136 -2.31 11.73 6.82
C PRO B 136 -1.12 11.90 5.87
N LYS B 137 -0.12 12.54 6.45
CA LYS B 137 1.23 12.53 5.94
C LYS B 137 1.78 11.11 5.98
N LEU B 138 2.34 10.66 4.87
CA LEU B 138 2.94 9.33 4.76
C LEU B 138 4.45 9.38 4.62
N GLY B 139 4.99 10.41 3.99
CA GLY B 139 6.40 10.44 3.68
C GLY B 139 7.28 10.28 4.89
N GLY B 140 8.29 9.44 4.80
CA GLY B 140 9.25 9.22 5.88
C GLY B 140 8.81 8.24 6.93
N GLN B 141 7.54 7.79 6.82
CA GLN B 141 7.04 6.85 7.81
C GLN B 141 7.84 5.55 7.71
N HIS B 142 7.95 4.88 8.88
CA HIS B 142 8.60 3.56 8.88
C HIS B 142 7.86 2.62 7.96
N ALA B 143 8.63 1.94 7.10
CA ALA B 143 8.03 1.02 6.16
C ALA B 143 7.26 -0.10 6.82
N ALA B 144 7.75 -0.67 7.92
CA ALA B 144 7.05 -1.76 8.53
C ALA B 144 5.69 -1.30 9.03
N TYR B 145 5.62 -0.10 9.58
CA TYR B 145 4.34 0.45 10.02
C TYR B 145 3.41 0.65 8.82
N THR B 146 3.86 1.33 7.77
CA THR B 146 3.03 1.57 6.61
C THR B 146 2.50 0.25 6.03
N ALA B 147 3.41 -0.72 5.94
CA ALA B 147 3.03 -2.00 5.37
C ALA B 147 1.94 -2.66 6.23
N LYS B 148 2.07 -2.54 7.55
CA LYS B 148 1.07 -3.12 8.45
C LYS B 148 -0.26 -2.42 8.25
N GLN B 149 -0.25 -1.10 8.10
CA GLN B 149 -1.50 -0.41 7.90
C GLN B 149 -2.16 -0.84 6.59
N LEU B 150 -1.41 -0.90 5.50
CA LEU B 150 -2.02 -1.28 4.25
C LEU B 150 -2.60 -2.69 4.38
N THR B 151 -1.90 -3.57 5.05
CA THR B 151 -2.34 -4.96 5.23
C THR B 151 -3.58 -5.00 6.09
N ASP B 152 -3.55 -4.16 7.13
CA ASP B 152 -4.70 -4.12 8.04
C ASP B 152 -5.93 -3.55 7.34
N PHE B 153 -5.75 -2.54 6.54
CA PHE B 153 -6.87 -2.02 5.72
C PHE B 153 -7.34 -3.09 4.75
N ARG B 154 -6.44 -3.83 4.09
CA ARG B 154 -6.85 -4.85 3.14
C ARG B 154 -7.61 -5.95 3.84
N GLU B 155 -7.17 -6.33 5.04
CA GLU B 155 -7.77 -7.45 5.78
C GLU B 155 -8.98 -7.02 6.60
N GLY B 156 -9.33 -5.74 6.63
CA GLY B 156 -10.44 -5.26 7.41
C GLY B 156 -10.19 -5.11 8.90
N ASN B 157 -8.95 -5.11 9.31
CA ASN B 157 -8.53 -4.97 10.71
C ASN B 157 -8.59 -3.52 11.20
N ARG B 158 -8.39 -2.61 10.24
CA ARG B 158 -8.48 -1.18 10.53
C ARG B 158 -9.71 -0.64 9.80
N THR B 159 -10.60 0.00 10.55
CA THR B 159 -11.88 0.38 9.99
C THR B 159 -12.26 1.83 10.29
N ASN B 160 -11.32 2.65 10.75
CA ASN B 160 -11.66 4.03 11.10
C ASN B 160 -11.47 4.99 9.92
N ASP B 161 -11.65 4.52 8.69
CA ASP B 161 -11.43 5.29 7.48
C ASP B 161 -12.70 5.85 6.85
N GLY B 162 -13.76 5.95 7.61
CA GLY B 162 -14.93 6.64 7.15
C GLY B 162 -15.93 5.79 6.37
N ASP B 163 -17.07 6.45 6.19
CA ASP B 163 -18.31 5.95 5.62
C ASP B 163 -18.10 5.40 4.21
N THR B 164 -17.07 5.88 3.49
CA THR B 164 -16.87 5.28 2.18
C THR B 164 -15.77 4.23 2.22
N MET B 165 -15.18 3.98 3.38
CA MET B 165 -14.17 2.93 3.52
C MET B 165 -13.04 3.20 2.51
N ILE B 166 -12.59 4.46 2.45
CA ILE B 166 -11.61 4.80 1.43
C ILE B 166 -10.39 3.88 1.41
N MET B 167 -9.70 3.81 2.55
CA MET B 167 -8.49 3.00 2.53
C MET B 167 -8.74 1.51 2.45
N ARG B 168 -9.85 1.06 3.03
CA ARG B 168 -10.13 -0.36 2.82
C ARG B 168 -10.34 -0.65 1.36
N GLY B 169 -10.97 0.27 0.62
CA GLY B 169 -11.22 0.11 -0.80
C GLY B 169 -9.98 0.23 -1.67
N VAL B 170 -9.07 1.11 -1.29
CA VAL B 170 -7.79 1.26 -2.00
C VAL B 170 -6.93 0.03 -1.77
N ALA B 171 -6.75 -0.31 -0.49
CA ALA B 171 -5.82 -1.38 -0.13
C ALA B 171 -6.30 -2.74 -0.56
N ALA B 172 -7.59 -2.90 -0.79
CA ALA B 172 -8.16 -4.18 -1.24
C ALA B 172 -7.51 -4.62 -2.55
N LYS B 173 -6.95 -3.66 -3.31
CA LYS B 173 -6.38 -3.97 -4.61
C LYS B 173 -4.87 -4.18 -4.56
N LEU B 174 -4.26 -4.09 -3.40
CA LEU B 174 -2.82 -4.20 -3.32
C LEU B 174 -2.35 -5.60 -2.98
N SER B 175 -1.34 -6.04 -3.74
CA SER B 175 -0.68 -7.30 -3.42
C SER B 175 0.33 -7.10 -2.30
N ASN B 176 0.85 -8.20 -1.77
CA ASN B 176 1.93 -8.07 -0.78
C ASN B 176 3.12 -7.36 -1.40
N LYS B 177 3.47 -7.70 -2.65
CA LYS B 177 4.63 -7.07 -3.28
C LYS B 177 4.33 -5.59 -3.46
N ASP B 178 3.11 -5.21 -3.83
CA ASP B 178 2.69 -3.83 -3.96
C ASP B 178 2.89 -3.08 -2.64
N ILE B 179 2.49 -3.78 -1.55
CA ILE B 179 2.58 -3.12 -0.24
C ILE B 179 4.02 -2.94 0.17
N GLU B 180 4.84 -3.94 -0.10
CA GLU B 180 6.25 -3.81 0.22
C GLU B 180 6.88 -2.66 -0.57
N ALA B 181 6.60 -2.57 -1.85
CA ALA B 181 7.20 -1.55 -2.70
C ALA B 181 6.72 -0.17 -2.31
N LEU B 182 5.41 0.00 -2.11
CA LEU B 182 4.88 1.28 -1.66
C LEU B 182 5.46 1.72 -0.33
N SER B 183 5.50 0.81 0.63
CA SER B 183 5.99 1.15 1.96
C SER B 183 7.47 1.56 1.93
N SER B 184 8.28 0.91 1.12
CA SER B 184 9.69 1.26 1.00
C SER B 184 9.84 2.64 0.38
N TYR B 185 9.17 2.85 -0.76
CA TYR B 185 9.17 4.13 -1.45
C TYR B 185 8.74 5.28 -0.56
N ILE B 186 7.64 5.07 0.16
CA ILE B 186 7.11 6.10 1.04
C ILE B 186 8.09 6.46 2.14
N GLN B 187 8.81 5.48 2.68
CA GLN B 187 9.83 5.77 3.71
C GLN B 187 10.87 6.77 3.24
N GLY B 188 11.23 6.72 1.96
CA GLY B 188 12.21 7.68 1.48
C GLY B 188 11.64 8.95 0.89
N LEU B 189 10.32 9.08 0.90
CA LEU B 189 9.61 10.21 0.28
C LEU B 189 9.72 11.42 1.18
N HIS B 190 10.11 12.58 0.63
CA HIS B 190 10.16 13.79 1.44
C HIS B 190 9.91 15.04 0.61
N ALA C 1 23.25 -12.68 7.43
CA ALA C 1 23.07 -13.29 8.75
C ALA C 1 24.00 -14.49 8.90
N GLY C 2 23.88 -15.11 10.07
CA GLY C 2 24.79 -16.21 10.32
C GLY C 2 24.27 -17.53 9.84
N ASP C 3 25.23 -18.45 9.87
CA ASP C 3 25.12 -19.84 9.52
C ASP C 3 25.09 -20.61 10.82
N ALA C 4 23.93 -21.09 11.23
CA ALA C 4 23.82 -21.78 12.53
C ALA C 4 24.68 -23.03 12.59
N GLU C 5 24.79 -23.71 11.45
CA GLU C 5 25.65 -24.89 11.34
C GLU C 5 27.10 -24.51 11.60
N ALA C 6 27.58 -23.41 11.03
CA ALA C 6 28.93 -22.93 11.30
C ALA C 6 29.06 -22.46 12.73
N GLY C 7 28.03 -21.80 13.26
CA GLY C 7 28.12 -21.37 14.65
C GLY C 7 28.20 -22.50 15.64
N GLN C 8 27.60 -23.64 15.34
CA GLN C 8 27.65 -24.79 16.25
C GLN C 8 29.07 -25.17 16.64
N GLY C 9 30.02 -24.90 15.76
CA GLY C 9 31.43 -25.21 15.94
C GLY C 9 32.25 -24.13 16.61
N LYS C 10 31.60 -23.04 17.03
CA LYS C 10 32.33 -21.87 17.54
C LYS C 10 31.92 -21.47 18.95
N VAL C 11 31.24 -22.39 19.65
CA VAL C 11 30.64 -22.01 20.94
C VAL C 11 31.12 -22.86 22.09
N ALA C 12 32.29 -23.52 22.02
CA ALA C 12 32.69 -24.33 23.17
C ALA C 12 32.82 -23.54 24.45
N VAL C 13 33.48 -22.38 24.36
CA VAL C 13 33.62 -21.66 25.67
C VAL C 13 32.28 -21.13 26.08
N CYS C 14 31.49 -20.64 25.14
CA CYS C 14 30.19 -20.06 25.48
C CYS C 14 29.32 -21.05 26.23
N GLY C 15 29.37 -22.33 25.80
CA GLY C 15 28.51 -23.32 26.38
C GLY C 15 28.87 -23.64 27.83
N ALA C 16 30.12 -23.36 28.21
CA ALA C 16 30.55 -23.60 29.58
C ALA C 16 29.71 -22.75 30.55
N CYS C 17 29.25 -21.58 30.11
CA CYS C 17 28.44 -20.73 30.99
C CYS C 17 26.98 -20.72 30.58
N HIS C 18 26.75 -20.67 29.27
CA HIS C 18 25.39 -20.47 28.78
C HIS C 18 24.67 -21.76 28.45
N GLY C 19 25.34 -22.89 28.64
CA GLY C 19 24.81 -24.20 28.35
C GLY C 19 25.17 -24.56 26.92
N VAL C 20 25.44 -25.84 26.66
CA VAL C 20 25.83 -26.13 25.27
C VAL C 20 24.66 -25.95 24.32
N ASP C 21 23.44 -26.04 24.81
CA ASP C 21 22.25 -25.76 24.05
C ASP C 21 21.72 -24.35 24.28
N GLY C 22 22.47 -23.51 24.99
CA GLY C 22 22.01 -22.19 25.37
C GLY C 22 20.98 -22.10 26.47
N ASN C 23 20.64 -23.21 27.10
CA ASN C 23 19.77 -23.19 28.25
C ASN C 23 20.29 -23.14 29.65
C ASN C 23 20.75 -23.52 29.38
N SER C 24 21.36 -22.49 29.87
CA SER C 24 22.21 -22.32 31.01
C SER C 24 21.79 -23.09 32.24
N PRO C 25 22.41 -24.19 32.61
CA PRO C 25 22.02 -24.88 33.85
C PRO C 25 22.27 -24.03 35.07
N ALA C 26 23.22 -23.11 35.08
CA ALA C 26 23.47 -22.23 36.22
C ALA C 26 22.63 -20.96 36.05
N PRO C 27 21.75 -20.65 37.01
CA PRO C 27 20.79 -19.56 36.84
C PRO C 27 21.28 -18.13 36.89
N ASN C 28 22.52 -17.82 37.24
CA ASN C 28 22.95 -16.43 37.04
C ASN C 28 23.54 -16.19 35.66
N PHE C 29 23.70 -17.20 34.83
CA PHE C 29 24.07 -16.91 33.43
C PHE C 29 22.80 -16.90 32.59
N PRO C 30 22.62 -15.97 31.68
CA PRO C 30 21.39 -15.97 30.89
C PRO C 30 21.33 -17.14 29.92
N LYS C 31 20.09 -17.59 29.74
CA LYS C 31 19.78 -18.47 28.63
C LYS C 31 19.87 -17.63 27.35
N LEU C 32 20.45 -18.25 26.32
CA LEU C 32 20.51 -17.73 24.96
C LEU C 32 19.66 -18.50 23.96
N ALA C 33 19.26 -19.71 24.33
CA ALA C 33 18.52 -20.56 23.41
C ALA C 33 17.20 -19.90 22.98
N GLY C 34 17.06 -19.79 21.65
CA GLY C 34 15.78 -19.28 21.16
C GLY C 34 15.70 -17.79 21.17
N GLN C 35 16.71 -17.06 21.62
CA GLN C 35 16.71 -15.60 21.60
C GLN C 35 16.72 -15.11 20.17
N GLY C 36 16.18 -13.93 19.89
CA GLY C 36 16.23 -13.39 18.55
C GLY C 36 17.66 -13.16 18.11
N GLU C 37 17.89 -13.51 16.84
CA GLU C 37 19.23 -13.46 16.26
C GLU C 37 19.79 -12.05 16.22
N ARG C 38 18.93 -11.09 15.86
CA ARG C 38 19.42 -9.72 15.79
C ARG C 38 19.73 -9.16 17.17
N TYR C 39 18.93 -9.50 18.16
CA TYR C 39 19.21 -9.08 19.53
C TYR C 39 20.53 -9.70 20.00
N LEU C 40 20.69 -11.01 19.75
CA LEU C 40 21.93 -11.64 20.17
C LEU C 40 23.14 -10.96 19.53
N LEU C 41 23.05 -10.70 18.21
CA LEU C 41 24.19 -10.10 17.54
C LEU C 41 24.49 -8.72 18.10
N LYS C 42 23.46 -7.92 18.32
CA LYS C 42 23.67 -6.61 18.95
C LYS C 42 24.36 -6.73 20.29
N GLN C 43 23.92 -7.64 21.14
CA GLN C 43 24.57 -7.83 22.42
C GLN C 43 26.01 -8.31 22.26
N LEU C 44 26.28 -9.18 21.30
CA LEU C 44 27.67 -9.59 21.09
C LEU C 44 28.53 -8.40 20.74
N GLN C 45 28.05 -7.57 19.81
CA GLN C 45 28.83 -6.39 19.43
C GLN C 45 29.03 -5.46 20.62
N ASP C 46 27.97 -5.23 21.40
CA ASP C 46 28.05 -4.34 22.55
C ASP C 46 28.96 -4.91 23.62
N ILE C 47 28.87 -6.20 23.90
CA ILE C 47 29.69 -6.84 24.93
C ILE C 47 31.15 -6.84 24.48
N LYS C 48 31.36 -7.11 23.19
CA LYS C 48 32.76 -7.10 22.71
C LYS C 48 33.37 -5.74 22.97
N ALA C 49 32.67 -4.66 22.59
CA ALA C 49 33.20 -3.32 22.73
C ALA C 49 33.41 -2.93 24.19
N GLY C 50 32.43 -3.34 25.02
CA GLY C 50 32.49 -2.94 26.41
C GLY C 50 33.43 -3.77 27.24
N SER C 51 33.74 -4.96 26.79
CA SER C 51 34.44 -5.94 27.62
C SER C 51 35.85 -6.19 27.16
N THR C 52 36.32 -5.45 26.17
CA THR C 52 37.69 -5.69 25.71
C THR C 52 38.63 -5.09 26.76
N PRO C 53 39.80 -5.66 27.04
CA PRO C 53 40.67 -5.12 28.09
C PRO C 53 40.95 -3.64 27.90
N GLY C 54 40.73 -2.90 28.97
CA GLY C 54 40.99 -1.48 29.02
C GLY C 54 39.94 -0.64 28.31
N ALA C 55 38.79 -1.22 27.97
CA ALA C 55 37.72 -0.49 27.30
C ALA C 55 37.35 0.71 28.13
N PRO C 56 37.09 1.84 27.50
CA PRO C 56 36.65 2.98 28.30
C PRO C 56 35.30 2.68 28.97
N GLU C 57 35.19 3.26 30.15
CA GLU C 57 33.95 3.18 30.91
C GLU C 57 32.79 3.76 30.10
N GLY C 58 31.71 3.02 30.09
CA GLY C 58 30.45 3.44 29.51
C GLY C 58 30.25 3.02 28.06
N VAL C 59 31.25 2.41 27.46
CA VAL C 59 31.23 1.90 26.11
C VAL C 59 30.50 0.57 26.10
N GLY C 60 29.53 0.35 25.21
CA GLY C 60 28.93 -0.94 25.02
C GLY C 60 28.32 -1.50 26.27
N ARG C 61 28.61 -2.78 26.49
CA ARG C 61 28.10 -3.54 27.62
C ARG C 61 29.27 -4.29 28.24
N LYS C 62 29.68 -3.94 29.46
CA LYS C 62 30.85 -4.58 30.05
C LYS C 62 30.40 -5.78 30.88
N VAL C 63 30.85 -6.94 30.49
CA VAL C 63 30.61 -8.21 31.14
C VAL C 63 31.98 -8.74 31.54
N LEU C 64 32.25 -8.58 32.83
CA LEU C 64 33.58 -8.97 33.30
C LEU C 64 33.89 -10.43 33.03
N GLU C 65 32.88 -11.28 33.15
CA GLU C 65 33.06 -12.72 32.90
C GLU C 65 33.39 -13.07 31.44
N MET C 66 33.16 -12.13 30.52
CA MET C 66 33.43 -12.34 29.11
C MET C 66 34.56 -11.46 28.65
N THR C 67 35.35 -10.87 29.53
CA THR C 67 36.46 -10.01 29.15
C THR C 67 37.30 -10.63 28.06
N GLY C 68 37.44 -9.95 26.93
CA GLY C 68 38.30 -10.38 25.83
C GLY C 68 37.82 -11.53 25.00
N MET C 69 36.75 -12.22 25.42
CA MET C 69 36.40 -13.47 24.74
C MET C 69 35.96 -13.27 23.31
N LEU C 70 35.30 -12.14 23.02
CA LEU C 70 34.79 -11.91 21.69
C LEU C 70 35.81 -11.22 20.78
N ASP C 71 36.91 -10.77 21.36
CA ASP C 71 37.89 -10.00 20.57
C ASP C 71 38.44 -10.75 19.39
N PRO C 72 38.86 -12.01 19.50
CA PRO C 72 39.44 -12.65 18.33
C PRO C 72 38.41 -13.18 17.35
N LEU C 73 37.13 -12.99 17.64
CA LEU C 73 36.09 -13.51 16.76
C LEU C 73 35.77 -12.53 15.66
N SER C 74 35.62 -13.04 14.44
CA SER C 74 35.24 -12.15 13.35
C SER C 74 33.76 -11.75 13.41
N ASP C 75 33.42 -10.71 12.66
CA ASP C 75 32.02 -10.31 12.63
C ASP C 75 31.17 -11.47 12.12
N GLN C 76 31.68 -12.21 11.15
CA GLN C 76 30.96 -13.37 10.65
C GLN C 76 30.77 -14.42 11.74
N ASP C 77 31.82 -14.64 12.53
CA ASP C 77 31.70 -15.60 13.65
C ASP C 77 30.58 -15.18 14.56
N LEU C 78 30.50 -13.90 14.92
CA LEU C 78 29.43 -13.42 15.79
C LEU C 78 28.06 -13.69 15.17
N GLU C 79 27.94 -13.46 13.87
CA GLU C 79 26.64 -13.75 13.24
C GLU C 79 26.30 -15.23 13.32
N ASP C 80 27.31 -16.07 13.10
CA ASP C 80 27.09 -17.52 13.09
C ASP C 80 26.72 -18.00 14.48
N ILE C 81 27.33 -17.43 15.50
CA ILE C 81 27.05 -17.78 16.90
C ILE C 81 25.64 -17.36 17.27
N ALA C 82 25.27 -16.17 16.85
CA ALA C 82 23.92 -15.66 17.09
C ALA C 82 22.88 -16.56 16.44
N ALA C 83 23.14 -16.95 15.18
CA ALA C 83 22.24 -17.85 14.49
C ALA C 83 22.18 -19.21 15.21
N TYR C 84 23.32 -19.72 15.66
CA TYR C 84 23.31 -20.99 16.38
C TYR C 84 22.40 -20.95 17.60
N PHE C 85 22.64 -20.01 18.51
CA PHE C 85 21.84 -19.97 19.74
C PHE C 85 20.37 -19.66 19.41
N SER C 86 20.11 -18.79 18.45
CA SER C 86 18.73 -18.47 18.12
C SER C 86 17.97 -19.71 17.65
N SER C 87 18.67 -20.62 17.00
CA SER C 87 18.09 -21.86 16.45
C SER C 87 17.76 -22.92 17.47
N GLN C 88 18.32 -22.81 18.67
CA GLN C 88 18.08 -23.76 19.74
C GLN C 88 16.68 -23.56 20.34
N LYS C 89 16.18 -24.59 20.98
CA LYS C 89 14.86 -24.56 21.60
C LYS C 89 14.92 -23.89 22.96
N GLY C 90 14.16 -22.83 23.16
CA GLY C 90 14.11 -22.19 24.45
C GLY C 90 13.35 -23.03 25.48
N SER C 91 13.47 -22.69 26.71
CA SER C 91 12.92 -23.42 27.84
C SER C 91 12.16 -22.49 28.73
N VAL C 92 11.39 -23.07 29.64
CA VAL C 92 10.47 -22.36 30.49
C VAL C 92 10.78 -22.84 31.89
N GLY C 93 10.79 -21.95 32.86
CA GLY C 93 11.13 -22.19 34.24
C GLY C 93 9.99 -22.03 35.22
N TYR C 94 10.29 -21.97 36.51
CA TYR C 94 9.30 -22.00 37.57
C TYR C 94 8.68 -20.65 37.87
N ALA C 95 7.36 -20.55 38.00
CA ALA C 95 6.69 -19.29 38.32
C ALA C 95 6.03 -19.45 39.68
N ASP C 96 6.58 -18.84 40.72
CA ASP C 96 5.98 -18.89 42.02
C ASP C 96 4.61 -18.23 41.96
N PRO C 97 3.52 -18.95 42.20
CA PRO C 97 2.22 -18.44 41.79
C PRO C 97 1.87 -17.03 42.22
N ALA C 98 1.97 -16.65 43.48
CA ALA C 98 1.56 -15.30 43.87
C ALA C 98 2.49 -14.23 43.30
N LEU C 99 3.81 -14.50 43.37
CA LEU C 99 4.75 -13.51 42.85
C LEU C 99 4.56 -13.35 41.34
N ALA C 100 4.39 -14.48 40.68
CA ALA C 100 4.24 -14.43 39.21
C ALA C 100 2.94 -13.73 38.84
N LYS C 101 1.91 -13.85 39.66
CA LYS C 101 0.65 -13.15 39.36
C LYS C 101 0.84 -11.65 39.47
N GLN C 102 1.58 -11.22 40.51
CA GLN C 102 1.87 -9.78 40.60
C GLN C 102 2.70 -9.35 39.40
N GLY C 103 3.66 -10.16 38.98
CA GLY C 103 4.45 -9.86 37.81
C GLY C 103 3.62 -9.77 36.55
N GLU C 104 2.61 -10.66 36.43
CA GLU C 104 1.75 -10.63 35.28
C GLU C 104 0.97 -9.33 35.17
N LYS C 105 0.49 -8.85 36.31
CA LYS C 105 -0.26 -7.58 36.37
C LYS C 105 0.60 -6.44 35.87
N LEU C 106 1.86 -6.36 36.34
CA LEU C 106 2.77 -5.31 35.90
C LEU C 106 3.16 -5.46 34.44
N PHE C 107 3.40 -6.70 34.04
CA PHE C 107 3.86 -6.96 32.66
C PHE C 107 2.80 -6.53 31.65
N ARG C 108 1.54 -6.83 31.95
CA ARG C 108 0.42 -6.56 31.07
C ARG C 108 -0.18 -5.18 31.24
N GLY C 109 -0.01 -4.59 32.42
CA GLY C 109 -0.67 -3.36 32.75
C GLY C 109 0.23 -2.16 32.88
N GLY C 110 1.52 -2.41 33.09
CA GLY C 110 2.40 -1.30 33.32
C GLY C 110 2.07 -0.53 34.60
N LYS C 111 2.51 0.72 34.66
CA LYS C 111 2.23 1.61 35.78
C LYS C 111 1.92 2.98 35.17
N LEU C 112 0.70 3.06 34.66
CA LEU C 112 0.43 4.23 33.83
C LEU C 112 0.42 5.48 34.66
N ASP C 113 -0.02 5.39 35.92
CA ASP C 113 -0.08 6.69 36.62
C ASP C 113 1.33 7.11 37.04
N GLN C 114 2.35 6.30 36.78
CA GLN C 114 3.76 6.64 36.92
C GLN C 114 4.47 6.82 35.58
N GLY C 115 3.72 6.78 34.48
CA GLY C 115 4.28 6.98 33.16
C GLY C 115 5.03 5.81 32.57
N MET C 116 4.81 4.62 33.09
CA MET C 116 5.49 3.42 32.63
C MET C 116 4.53 2.57 31.82
N PRO C 117 4.85 2.36 30.54
CA PRO C 117 4.01 1.46 29.72
C PRO C 117 4.16 0.01 30.14
N ALA C 118 3.15 -0.77 29.76
CA ALA C 118 3.22 -2.23 29.91
C ALA C 118 4.39 -2.78 29.09
N CYS C 119 4.88 -3.94 29.48
CA CYS C 119 6.00 -4.57 28.78
C CYS C 119 5.60 -5.25 27.49
N THR C 120 4.33 -5.63 27.37
CA THR C 120 3.84 -6.42 26.29
C THR C 120 3.90 -5.75 24.93
N GLY C 121 3.86 -4.43 24.87
CA GLY C 121 3.88 -3.71 23.61
C GLY C 121 5.18 -3.91 22.84
N CYS C 122 6.24 -4.20 23.59
CA CYS C 122 7.55 -4.42 22.99
C CYS C 122 7.98 -5.87 23.09
N HIS C 123 7.78 -6.49 24.23
CA HIS C 123 8.30 -7.86 24.43
C HIS C 123 7.26 -8.95 24.17
N ALA C 124 6.04 -8.55 23.89
CA ALA C 124 4.90 -9.36 23.48
C ALA C 124 4.15 -9.98 24.64
N PRO C 125 2.84 -10.20 24.52
CA PRO C 125 2.09 -10.86 25.60
C PRO C 125 2.61 -12.22 25.98
N ASN C 126 3.22 -12.98 25.07
CA ASN C 126 3.81 -14.26 25.48
C ASN C 126 5.31 -14.17 25.64
N GLY C 127 5.88 -12.97 25.72
CA GLY C 127 7.30 -12.77 25.96
C GLY C 127 8.23 -13.14 24.84
N VAL C 128 7.77 -13.39 23.61
CA VAL C 128 8.68 -13.84 22.56
C VAL C 128 9.47 -12.72 21.94
N GLY C 129 9.26 -11.47 22.34
CA GLY C 129 10.02 -10.38 21.81
C GLY C 129 9.56 -9.99 20.43
N ASN C 130 10.35 -9.18 19.77
CA ASN C 130 10.13 -8.66 18.43
C ASN C 130 11.50 -8.37 17.84
N ASP C 131 12.03 -9.39 17.18
CA ASP C 131 13.46 -9.27 16.80
C ASP C 131 13.63 -8.25 15.70
N LEU C 132 12.66 -8.09 14.79
CA LEU C 132 12.90 -7.08 13.75
C LEU C 132 12.87 -5.67 14.32
N ALA C 133 12.26 -5.49 15.47
CA ALA C 133 12.21 -4.17 16.08
C ALA C 133 13.28 -3.99 17.13
N GLY C 134 14.06 -5.03 17.42
CA GLY C 134 15.14 -4.90 18.40
C GLY C 134 14.76 -5.29 19.81
N PHE C 135 13.61 -5.90 20.04
CA PHE C 135 13.16 -6.20 21.37
C PHE C 135 13.41 -7.67 21.71
N PRO C 136 14.18 -7.95 22.74
CA PRO C 136 14.49 -9.35 23.05
C PRO C 136 13.32 -10.15 23.57
N LYS C 137 13.40 -11.44 23.30
CA LYS C 137 12.62 -12.48 23.96
C LYS C 137 13.02 -12.47 25.43
N LEU C 138 11.99 -12.48 26.27
CA LEU C 138 12.14 -12.56 27.71
C LEU C 138 11.65 -13.91 28.26
N GLY C 139 10.64 -14.50 27.64
CA GLY C 139 9.99 -15.65 28.29
C GLY C 139 10.95 -16.79 28.57
N GLY C 140 10.82 -17.33 29.77
CA GLY C 140 11.62 -18.46 30.21
C GLY C 140 12.96 -18.08 30.74
N GLN C 141 13.36 -16.81 30.68
CA GLN C 141 14.69 -16.44 31.18
C GLN C 141 14.82 -16.68 32.67
N HIS C 142 16.02 -17.00 33.14
CA HIS C 142 16.25 -17.16 34.57
C HIS C 142 15.87 -15.87 35.31
N ALA C 143 15.10 -15.98 36.37
CA ALA C 143 14.67 -14.85 37.19
C ALA C 143 15.83 -14.09 37.75
N ALA C 144 16.91 -14.72 38.16
CA ALA C 144 18.01 -13.97 38.73
C ALA C 144 18.62 -13.04 37.69
N TYR C 145 18.69 -13.54 36.46
CA TYR C 145 19.28 -12.75 35.39
C TYR C 145 18.36 -11.59 35.06
N THR C 146 17.07 -11.89 34.85
CA THR C 146 16.14 -10.81 34.50
C THR C 146 16.14 -9.72 35.56
N ALA C 147 16.14 -10.16 36.83
CA ALA C 147 16.11 -9.20 37.93
C ALA C 147 17.35 -8.34 37.93
N LYS C 148 18.50 -8.96 37.66
CA LYS C 148 19.73 -8.20 37.57
C LYS C 148 19.66 -7.16 36.43
N GLN C 149 19.12 -7.55 35.29
CA GLN C 149 19.06 -6.60 34.20
C GLN C 149 18.13 -5.43 34.53
N LEU C 150 16.95 -5.71 35.06
CA LEU C 150 16.07 -4.62 35.43
C LEU C 150 16.68 -3.72 36.48
N THR C 151 17.37 -4.31 37.45
CA THR C 151 18.05 -3.49 38.44
C THR C 151 19.16 -2.66 37.81
N ASP C 152 19.95 -3.27 36.93
CA ASP C 152 21.00 -2.56 36.25
C ASP C 152 20.45 -1.42 35.38
N PHE C 153 19.38 -1.64 34.66
CA PHE C 153 18.79 -0.54 33.90
C PHE C 153 18.29 0.55 34.84
N ARG C 154 17.58 0.18 35.92
CA ARG C 154 17.12 1.18 36.87
C ARG C 154 18.27 2.04 37.45
N GLU C 155 19.37 1.37 37.77
CA GLU C 155 20.51 2.08 38.34
C GLU C 155 21.48 2.69 37.36
N GLY C 156 21.18 2.55 36.07
CA GLY C 156 22.06 3.15 35.06
C GLY C 156 23.35 2.37 34.91
N ASN C 157 23.37 1.13 35.36
CA ASN C 157 24.56 0.31 35.15
C ASN C 157 24.58 -0.44 33.83
N ARG C 158 23.48 -0.57 33.15
CA ARG C 158 23.38 -1.07 31.80
C ARG C 158 22.86 0.10 30.96
N THR C 159 23.63 0.44 29.95
CA THR C 159 23.37 1.63 29.19
C THR C 159 23.34 1.36 27.70
N ASN C 160 23.29 0.11 27.28
CA ASN C 160 23.38 -0.17 25.86
C ASN C 160 22.03 -0.13 25.16
N ASP C 161 21.04 0.44 25.84
CA ASP C 161 19.85 0.88 25.15
C ASP C 161 20.13 2.27 24.54
N GLY C 162 21.28 2.89 24.77
CA GLY C 162 21.63 4.10 24.10
C GLY C 162 20.95 5.34 24.65
N ASP C 163 21.21 6.45 23.97
CA ASP C 163 20.83 7.78 24.49
C ASP C 163 19.34 8.00 24.59
N THR C 164 18.49 7.22 23.93
CA THR C 164 17.04 7.39 24.16
C THR C 164 16.58 6.70 25.44
N MET C 165 17.44 5.86 25.99
CA MET C 165 17.25 5.34 27.34
C MET C 165 15.92 4.63 27.50
N ILE C 166 15.52 3.81 26.54
CA ILE C 166 14.22 3.17 26.64
C ILE C 166 14.06 2.29 27.87
N MET C 167 15.00 1.40 28.11
CA MET C 167 14.85 0.48 29.23
C MET C 167 15.25 1.16 30.52
N ARG C 168 16.23 2.05 30.45
CA ARG C 168 16.55 2.80 31.67
C ARG C 168 15.34 3.59 32.12
N GLY C 169 14.58 4.15 31.17
CA GLY C 169 13.38 4.88 31.49
C GLY C 169 12.24 4.03 32.03
N VAL C 170 12.06 2.85 31.47
CA VAL C 170 11.03 1.94 31.96
C VAL C 170 11.38 1.49 33.37
N ALA C 171 12.62 1.07 33.52
CA ALA C 171 13.08 0.43 34.74
C ALA C 171 13.23 1.43 35.89
N ALA C 172 13.37 2.72 35.61
CA ALA C 172 13.42 3.76 36.60
C ALA C 172 12.18 3.75 37.51
N LYS C 173 11.07 3.21 37.00
CA LYS C 173 9.81 3.23 37.69
C LYS C 173 9.56 1.96 38.50
N LEU C 174 10.52 1.05 38.57
CA LEU C 174 10.32 -0.23 39.21
C LEU C 174 10.95 -0.33 40.59
N SER C 175 10.17 -0.76 41.58
CA SER C 175 10.66 -1.08 42.92
C SER C 175 11.33 -2.45 42.89
N ASN C 176 12.07 -2.74 43.96
CA ASN C 176 12.64 -4.06 44.13
C ASN C 176 11.58 -5.15 44.08
N LYS C 177 10.45 -5.03 44.73
CA LYS C 177 9.40 -6.02 44.67
C LYS C 177 8.82 -6.09 43.26
N ASP C 178 8.65 -4.97 42.58
CA ASP C 178 8.18 -5.02 41.19
C ASP C 178 9.14 -5.90 40.35
N ILE C 179 10.44 -5.71 40.55
CA ILE C 179 11.45 -6.45 39.77
C ILE C 179 11.39 -7.93 40.13
N GLU C 180 11.27 -8.25 41.43
CA GLU C 180 11.19 -9.65 41.81
C GLU C 180 9.95 -10.30 41.19
N ALA C 181 8.84 -9.62 41.23
CA ALA C 181 7.58 -10.14 40.67
C ALA C 181 7.66 -10.32 39.16
N LEU C 182 8.10 -9.30 38.46
CA LEU C 182 8.29 -9.40 37.03
C LEU C 182 9.19 -10.55 36.61
N SER C 183 10.28 -10.68 37.34
CA SER C 183 11.26 -11.69 36.95
C SER C 183 10.71 -13.09 37.17
N SER C 184 9.93 -13.32 38.21
CA SER C 184 9.26 -14.59 38.45
C SER C 184 8.27 -14.89 37.34
N TYR C 185 7.41 -13.93 37.01
CA TYR C 185 6.45 -14.13 35.91
C TYR C 185 7.13 -14.46 34.61
N ILE C 186 8.15 -13.67 34.28
CA ILE C 186 8.87 -13.88 33.04
C ILE C 186 9.51 -15.27 32.99
N GLN C 187 10.02 -15.77 34.09
CA GLN C 187 10.65 -17.09 34.09
C GLN C 187 9.69 -18.18 33.69
N GLY C 188 8.41 -18.07 34.01
CA GLY C 188 7.44 -19.06 33.58
C GLY C 188 6.67 -18.70 32.32
N LEU C 189 6.96 -17.57 31.71
CA LEU C 189 6.22 -17.03 30.59
C LEU C 189 6.54 -17.72 29.28
N HIS C 190 5.54 -18.10 28.51
CA HIS C 190 5.63 -18.69 27.20
C HIS C 190 4.35 -18.42 26.41
N ALA D 1 -15.45 20.20 -25.62
CA ALA D 1 -16.65 19.37 -25.41
C ALA D 1 -16.25 18.04 -24.79
N GLY D 2 -16.99 17.56 -23.81
CA GLY D 2 -16.65 16.36 -23.12
C GLY D 2 -17.15 15.07 -23.73
N ASP D 3 -16.32 14.05 -23.52
CA ASP D 3 -16.55 12.70 -24.01
C ASP D 3 -16.77 11.79 -22.81
N ALA D 4 -18.01 11.32 -22.63
CA ALA D 4 -18.36 10.51 -21.47
C ALA D 4 -17.58 9.20 -21.41
N GLU D 5 -17.44 8.54 -22.55
CA GLU D 5 -16.67 7.28 -22.52
C GLU D 5 -15.23 7.55 -22.12
N ALA D 6 -14.63 8.64 -22.54
CA ALA D 6 -13.30 8.99 -22.06
C ALA D 6 -13.30 9.29 -20.56
N GLY D 7 -14.33 10.00 -20.10
CA GLY D 7 -14.39 10.38 -18.70
C GLY D 7 -14.55 9.18 -17.80
N GLN D 8 -15.14 8.10 -18.28
CA GLN D 8 -15.35 6.89 -17.50
C GLN D 8 -14.01 6.36 -16.99
N GLY D 9 -12.96 6.65 -17.74
CA GLY D 9 -11.65 6.18 -17.38
C GLY D 9 -10.85 7.15 -16.55
N LYS D 10 -11.45 8.24 -16.09
CA LYS D 10 -10.70 9.30 -15.42
C LYS D 10 -11.19 9.57 -14.00
N VAL D 11 -11.96 8.65 -13.42
CA VAL D 11 -12.62 8.97 -12.14
C VAL D 11 -12.35 7.98 -11.02
N ALA D 12 -11.26 7.20 -11.08
CA ALA D 12 -11.02 6.24 -10.02
C ALA D 12 -10.89 6.88 -8.65
N VAL D 13 -10.16 7.97 -8.58
CA VAL D 13 -10.00 8.59 -7.26
C VAL D 13 -11.35 9.14 -6.81
N CYS D 14 -12.11 9.69 -7.73
CA CYS D 14 -13.38 10.31 -7.39
C CYS D 14 -14.32 9.30 -6.75
N GLY D 15 -14.30 8.08 -7.27
CA GLY D 15 -15.17 7.02 -6.81
C GLY D 15 -14.95 6.66 -5.36
N ALA D 16 -13.74 6.90 -4.85
CA ALA D 16 -13.45 6.56 -3.45
C ALA D 16 -14.29 7.39 -2.51
N CYS D 17 -14.77 8.54 -2.94
CA CYS D 17 -15.61 9.38 -2.11
C CYS D 17 -17.04 9.49 -2.62
N HIS D 18 -17.14 9.67 -3.95
CA HIS D 18 -18.41 9.94 -4.57
C HIS D 18 -19.13 8.71 -5.09
N GLY D 19 -18.57 7.51 -4.86
CA GLY D 19 -19.17 6.31 -5.44
C GLY D 19 -18.63 6.12 -6.83
N VAL D 20 -18.47 4.84 -7.20
CA VAL D 20 -17.83 4.54 -8.47
C VAL D 20 -18.54 5.20 -9.64
N ASP D 21 -19.85 5.23 -9.66
CA ASP D 21 -20.68 5.86 -10.68
C ASP D 21 -21.16 7.24 -10.26
N GLY D 22 -20.71 7.77 -9.14
CA GLY D 22 -21.19 9.07 -8.67
C GLY D 22 -22.35 8.98 -7.69
N ASN D 23 -22.82 7.79 -7.39
CA ASN D 23 -23.82 7.58 -6.35
C ASN D 23 -23.13 7.36 -5.02
N SER D 24 -22.79 8.46 -4.35
CA SER D 24 -22.05 8.49 -3.14
C SER D 24 -22.74 7.71 -2.03
N PRO D 25 -22.02 6.85 -1.31
CA PRO D 25 -22.59 6.19 -0.16
C PRO D 25 -22.47 6.96 1.15
N ALA D 26 -21.82 8.11 1.10
CA ALA D 26 -21.57 8.86 2.34
C ALA D 26 -22.31 10.18 2.31
N PRO D 27 -23.10 10.52 3.34
CA PRO D 27 -23.90 11.74 3.32
C PRO D 27 -23.14 13.04 3.16
N ASN D 28 -21.89 13.09 3.52
CA ASN D 28 -21.18 14.34 3.37
C ASN D 28 -20.52 14.50 2.02
N PHE D 29 -20.47 13.44 1.24
CA PHE D 29 -19.92 13.50 -0.09
C PHE D 29 -21.08 13.54 -1.08
N PRO D 30 -21.21 14.60 -1.88
CA PRO D 30 -22.41 14.68 -2.70
C PRO D 30 -22.44 13.61 -3.79
N LYS D 31 -23.67 13.18 -4.07
CA LYS D 31 -23.93 12.44 -5.31
C LYS D 31 -23.65 13.33 -6.51
N LEU D 32 -22.96 12.79 -7.51
CA LEU D 32 -22.73 13.42 -8.80
C LEU D 32 -23.46 12.77 -9.96
N ALA D 33 -23.91 11.54 -9.76
CA ALA D 33 -24.51 10.75 -10.82
C ALA D 33 -25.78 11.44 -11.29
N GLY D 34 -25.90 11.70 -12.57
CA GLY D 34 -27.08 12.33 -13.11
C GLY D 34 -27.19 13.82 -12.92
N GLN D 35 -26.20 14.45 -12.30
CA GLN D 35 -26.15 15.90 -12.22
C GLN D 35 -26.03 16.52 -13.60
N GLY D 36 -26.52 17.74 -13.81
CA GLY D 36 -26.36 18.41 -15.08
C GLY D 36 -24.90 18.59 -15.44
N GLU D 37 -24.66 18.36 -16.74
CA GLU D 37 -23.28 18.44 -17.21
C GLU D 37 -22.68 19.83 -17.10
N ARG D 38 -23.48 20.84 -17.46
CA ARG D 38 -22.97 22.22 -17.42
C ARG D 38 -22.66 22.57 -15.99
N TYR D 39 -23.55 22.21 -15.06
CA TYR D 39 -23.35 22.49 -13.66
C TYR D 39 -22.10 21.77 -13.15
N LEU D 40 -21.96 20.49 -13.47
CA LEU D 40 -20.76 19.72 -13.06
C LEU D 40 -19.50 20.42 -13.55
N LEU D 41 -19.49 20.81 -14.85
CA LEU D 41 -18.25 21.38 -15.37
C LEU D 41 -17.94 22.67 -14.68
N LYS D 42 -18.94 23.53 -14.47
CA LYS D 42 -18.69 24.75 -13.72
C LYS D 42 -18.16 24.48 -12.32
N GLN D 43 -18.75 23.53 -11.59
CA GLN D 43 -18.27 23.22 -10.26
C GLN D 43 -16.83 22.70 -10.33
N LEU D 44 -16.54 21.87 -11.32
CA LEU D 44 -15.18 21.37 -11.45
C LEU D 44 -14.18 22.49 -11.65
N GLN D 45 -14.52 23.41 -12.55
CA GLN D 45 -13.63 24.53 -12.72
C GLN D 45 -13.49 25.43 -11.51
N ASP D 46 -14.60 25.66 -10.82
CA ASP D 46 -14.61 26.45 -9.59
C ASP D 46 -13.80 25.77 -8.51
N ILE D 47 -14.00 24.47 -8.32
CA ILE D 47 -13.28 23.71 -7.31
C ILE D 47 -11.81 23.64 -7.63
N LYS D 48 -11.49 23.44 -8.91
CA LYS D 48 -10.07 23.41 -9.26
C LYS D 48 -9.40 24.72 -8.88
N ALA D 49 -10.04 25.83 -9.25
CA ALA D 49 -9.50 27.16 -9.02
C ALA D 49 -9.43 27.50 -7.55
N GLY D 50 -10.45 27.12 -6.80
CA GLY D 50 -10.47 27.48 -5.40
C GLY D 50 -9.73 26.49 -4.51
N SER D 51 -9.46 25.26 -4.97
CA SER D 51 -8.93 24.21 -4.10
C SER D 51 -7.51 23.81 -4.42
N THR D 52 -6.83 24.49 -5.36
CA THR D 52 -5.42 24.16 -5.54
C THR D 52 -4.61 24.76 -4.41
N PRO D 53 -3.51 24.16 -3.97
CA PRO D 53 -2.64 24.84 -3.00
C PRO D 53 -2.26 26.22 -3.53
N GLY D 54 -2.42 27.27 -2.72
CA GLY D 54 -2.06 28.59 -3.16
C GLY D 54 -3.10 29.33 -3.95
N ALA D 55 -4.31 28.79 -4.09
CA ALA D 55 -5.38 29.49 -4.76
C ALA D 55 -5.66 30.83 -4.10
N PRO D 56 -5.95 31.86 -4.88
CA PRO D 56 -6.29 33.13 -4.23
C PRO D 56 -7.60 33.01 -3.46
N GLU D 57 -7.72 33.68 -2.33
CA GLU D 57 -8.92 33.66 -1.52
C GLU D 57 -10.12 34.09 -2.34
N GLY D 58 -11.22 33.39 -2.16
CA GLY D 58 -12.54 33.76 -2.66
C GLY D 58 -12.73 33.43 -4.12
N VAL D 59 -11.66 32.89 -4.73
CA VAL D 59 -11.76 32.39 -6.09
C VAL D 59 -12.44 31.02 -6.03
N GLY D 60 -13.37 30.84 -6.98
CA GLY D 60 -14.05 29.63 -7.16
C GLY D 60 -14.75 29.09 -5.93
N ARG D 61 -14.48 27.84 -5.65
CA ARG D 61 -15.10 27.08 -4.58
C ARG D 61 -13.98 26.25 -3.95
N LYS D 62 -13.77 26.42 -2.65
CA LYS D 62 -12.71 25.72 -1.93
C LYS D 62 -13.32 24.49 -1.26
N VAL D 63 -12.88 23.32 -1.68
CA VAL D 63 -13.33 22.06 -1.08
C VAL D 63 -12.11 21.44 -0.42
N LEU D 64 -12.04 21.46 0.90
CA LEU D 64 -10.82 21.03 1.61
C LEU D 64 -10.47 19.59 1.32
N GLU D 65 -11.46 18.71 1.18
CA GLU D 65 -11.22 17.30 0.91
C GLU D 65 -10.69 17.06 -0.49
N MET D 66 -10.77 18.08 -1.36
CA MET D 66 -10.37 17.97 -2.76
C MET D 66 -9.14 18.81 -3.10
N THR D 67 -8.35 19.19 -2.12
CA THR D 67 -7.18 20.04 -2.38
C THR D 67 -6.23 19.35 -3.36
N GLY D 68 -5.93 20.04 -4.46
CA GLY D 68 -5.13 19.65 -5.57
C GLY D 68 -5.59 18.47 -6.37
N MET D 69 -6.73 17.90 -6.01
CA MET D 69 -7.33 16.81 -6.75
C MET D 69 -7.43 17.00 -8.26
N LEU D 70 -7.85 18.21 -8.63
CA LEU D 70 -8.16 18.45 -10.03
C LEU D 70 -6.99 19.10 -10.71
N ASP D 71 -5.89 19.35 -10.00
CA ASP D 71 -4.69 19.94 -10.62
C ASP D 71 -4.10 19.17 -11.76
N PRO D 72 -3.98 17.86 -11.81
CA PRO D 72 -3.39 17.23 -13.00
C PRO D 72 -4.31 17.21 -14.20
N LEU D 73 -5.55 17.63 -13.99
CA LEU D 73 -6.60 17.45 -14.99
C LEU D 73 -6.75 18.70 -15.82
N SER D 74 -6.73 18.48 -17.13
CA SER D 74 -6.91 19.58 -18.05
C SER D 74 -8.38 19.86 -18.26
N ASP D 75 -8.66 20.90 -19.03
CA ASP D 75 -10.04 21.26 -19.34
C ASP D 75 -10.75 20.09 -20.01
N GLN D 76 -10.11 19.38 -20.92
CA GLN D 76 -10.79 18.28 -21.61
C GLN D 76 -11.10 17.18 -20.61
N ASP D 77 -10.20 16.90 -19.67
CA ASP D 77 -10.42 15.91 -18.63
C ASP D 77 -11.64 16.31 -17.79
N LEU D 78 -11.69 17.59 -17.39
CA LEU D 78 -12.85 18.02 -16.59
C LEU D 78 -14.14 17.89 -17.41
N GLU D 79 -14.12 18.21 -18.70
CA GLU D 79 -15.30 18.12 -19.54
C GLU D 79 -15.75 16.68 -19.70
N ASP D 80 -14.78 15.78 -19.89
CA ASP D 80 -15.05 14.36 -20.02
C ASP D 80 -15.65 13.79 -18.72
N ILE D 81 -15.09 14.20 -17.60
CA ILE D 81 -15.62 13.77 -16.29
C ILE D 81 -17.04 14.29 -16.09
N ALA D 82 -17.27 15.56 -16.40
CA ALA D 82 -18.63 16.09 -16.33
C ALA D 82 -19.57 15.29 -17.21
N ALA D 83 -19.19 14.99 -18.44
CA ALA D 83 -20.02 14.22 -19.35
C ALA D 83 -20.32 12.85 -18.75
N TYR D 84 -19.28 12.22 -18.20
CA TYR D 84 -19.44 10.89 -17.64
C TYR D 84 -20.43 10.86 -16.46
N PHE D 85 -20.20 11.68 -15.43
CA PHE D 85 -21.10 11.61 -14.27
C PHE D 85 -22.52 12.01 -14.67
N SER D 86 -22.66 13.01 -15.54
CA SER D 86 -23.99 13.46 -15.97
C SER D 86 -24.70 12.32 -16.69
N SER D 87 -23.97 11.41 -17.32
CA SER D 87 -24.59 10.31 -18.05
C SER D 87 -25.07 9.17 -17.16
N GLN D 88 -24.72 9.21 -15.88
CA GLN D 88 -25.11 8.14 -14.98
C GLN D 88 -26.50 8.42 -14.40
N LYS D 89 -27.10 7.41 -13.81
CA LYS D 89 -28.42 7.49 -13.20
C LYS D 89 -28.30 7.76 -11.70
N GLY D 90 -28.91 8.82 -11.21
CA GLY D 90 -28.80 9.08 -9.78
C GLY D 90 -29.74 8.22 -8.98
N SER D 91 -29.27 7.79 -7.83
CA SER D 91 -30.03 6.97 -6.91
C SER D 91 -31.06 7.79 -6.15
N VAL D 92 -32.14 7.11 -5.78
CA VAL D 92 -33.21 7.74 -5.01
C VAL D 92 -32.80 7.74 -3.54
N GLY D 93 -33.33 8.71 -2.84
CA GLY D 93 -33.22 8.92 -1.43
C GLY D 93 -34.63 9.00 -0.85
N TYR D 94 -34.65 9.16 0.47
CA TYR D 94 -35.89 9.06 1.20
C TYR D 94 -35.98 10.20 2.18
N ALA D 95 -37.10 10.90 2.19
CA ALA D 95 -37.32 12.01 3.10
C ALA D 95 -37.89 11.53 4.43
N ASP D 96 -37.57 12.19 5.53
CA ASP D 96 -38.29 12.05 6.76
C ASP D 96 -39.72 12.61 6.63
N PRO D 97 -40.74 11.81 6.91
CA PRO D 97 -42.11 12.26 6.62
C PRO D 97 -42.47 13.60 7.29
N ALA D 98 -42.10 13.77 8.56
CA ALA D 98 -42.46 15.05 9.22
C ALA D 98 -41.62 16.21 8.72
N LEU D 99 -40.32 16.04 8.60
CA LEU D 99 -39.55 17.12 8.01
C LEU D 99 -40.02 17.48 6.59
N ALA D 100 -40.43 16.46 5.84
CA ALA D 100 -40.77 16.65 4.43
C ALA D 100 -41.97 17.56 4.25
N LYS D 101 -42.90 17.58 5.21
CA LYS D 101 -44.07 18.43 5.03
C LYS D 101 -43.61 19.88 5.09
N GLN D 102 -42.76 20.21 6.05
CA GLN D 102 -42.27 21.59 6.13
C GLN D 102 -41.34 21.92 4.99
N GLY D 103 -40.44 20.98 4.65
CA GLY D 103 -39.56 21.20 3.51
C GLY D 103 -40.31 21.35 2.20
N GLU D 104 -41.39 20.59 2.03
CA GLU D 104 -42.22 20.69 0.81
C GLU D 104 -42.85 22.07 0.66
N LYS D 105 -43.37 22.62 1.73
CA LYS D 105 -44.03 23.95 1.77
C LYS D 105 -43.04 25.03 1.34
N LEU D 106 -41.84 24.98 1.93
CA LEU D 106 -40.77 25.91 1.59
C LEU D 106 -40.34 25.73 0.14
N PHE D 107 -40.16 24.47 -0.32
CA PHE D 107 -39.69 24.25 -1.67
C PHE D 107 -40.69 24.74 -2.72
N ARG D 108 -41.97 24.53 -2.47
CA ARG D 108 -43.04 24.90 -3.39
C ARG D 108 -43.56 26.31 -3.22
N GLY D 109 -43.45 26.88 -2.03
CA GLY D 109 -44.01 28.17 -1.71
C GLY D 109 -43.06 29.29 -1.34
N GLY D 110 -41.82 28.94 -1.02
CA GLY D 110 -40.86 29.96 -0.64
C GLY D 110 -41.24 30.54 0.72
N LYS D 111 -40.79 31.77 0.93
CA LYS D 111 -41.11 32.57 2.09
C LYS D 111 -41.40 33.98 1.59
N LEU D 112 -42.60 34.16 1.06
CA LEU D 112 -42.91 35.33 0.28
C LEU D 112 -42.93 36.58 1.14
N ASP D 113 -43.38 36.49 2.39
CA ASP D 113 -43.37 37.70 3.21
C ASP D 113 -41.94 38.08 3.59
N GLN D 114 -40.96 37.24 3.33
CA GLN D 114 -39.55 37.57 3.48
C GLN D 114 -38.86 37.76 2.13
N GLY D 115 -39.63 37.76 1.05
CA GLY D 115 -39.08 38.02 -0.26
C GLY D 115 -38.24 36.90 -0.84
N MET D 116 -38.44 35.69 -0.31
CA MET D 116 -37.72 34.52 -0.79
C MET D 116 -38.58 33.70 -1.74
N PRO D 117 -38.20 33.54 -2.99
CA PRO D 117 -39.00 32.75 -3.94
C PRO D 117 -38.92 31.25 -3.63
N ALA D 118 -39.90 30.50 -4.12
CA ALA D 118 -39.91 29.05 -4.03
C ALA D 118 -38.80 28.53 -4.94
N CYS D 119 -38.29 27.38 -4.57
CA CYS D 119 -37.20 26.68 -5.19
C CYS D 119 -37.60 25.99 -6.48
N THR D 120 -38.87 25.65 -6.61
CA THR D 120 -39.31 24.86 -7.73
C THR D 120 -39.13 25.54 -9.09
N GLY D 121 -39.26 26.85 -9.17
CA GLY D 121 -39.11 27.45 -10.47
C GLY D 121 -37.74 27.29 -11.07
N CYS D 122 -36.72 27.08 -10.26
CA CYS D 122 -35.37 26.92 -10.76
C CYS D 122 -34.93 25.47 -10.71
N HIS D 123 -35.21 24.80 -9.60
CA HIS D 123 -34.69 23.43 -9.42
C HIS D 123 -35.67 22.36 -9.87
N ALA D 124 -36.87 22.78 -10.30
CA ALA D 124 -37.95 21.98 -10.85
C ALA D 124 -38.79 21.33 -9.78
N PRO D 125 -40.09 21.13 -10.05
CA PRO D 125 -40.97 20.53 -9.04
C PRO D 125 -40.54 19.15 -8.61
N ASN D 126 -39.85 18.41 -9.45
CA ASN D 126 -39.32 17.09 -9.15
C ASN D 126 -37.82 17.20 -8.82
N GLY D 127 -37.25 18.38 -8.64
CA GLY D 127 -35.85 18.53 -8.25
C GLY D 127 -34.83 18.20 -9.30
N VAL D 128 -35.20 18.02 -10.56
CA VAL D 128 -34.25 17.58 -11.58
C VAL D 128 -33.33 18.69 -12.02
N GLY D 129 -33.59 19.94 -11.62
CA GLY D 129 -32.74 21.05 -12.05
C GLY D 129 -33.08 21.53 -13.43
N ASN D 130 -32.19 22.36 -13.96
CA ASN D 130 -32.37 22.93 -15.31
C ASN D 130 -30.99 23.24 -15.83
N ASP D 131 -30.44 22.26 -16.58
CA ASP D 131 -29.02 22.46 -16.81
C ASP D 131 -28.74 23.53 -17.85
N LEU D 132 -29.69 23.80 -18.74
CA LEU D 132 -29.46 24.90 -19.70
C LEU D 132 -29.31 26.22 -18.98
N ALA D 133 -29.98 26.33 -17.83
CA ALA D 133 -29.89 27.54 -17.05
C ALA D 133 -28.79 27.49 -16.00
N GLY D 134 -28.12 26.36 -15.88
CA GLY D 134 -27.09 26.11 -14.86
C GLY D 134 -27.65 25.87 -13.47
N PHE D 135 -28.91 25.50 -13.37
CA PHE D 135 -29.52 25.22 -12.07
C PHE D 135 -29.36 23.74 -11.76
N PRO D 136 -28.66 23.39 -10.69
CA PRO D 136 -28.39 21.96 -10.48
C PRO D 136 -29.62 21.16 -10.10
N LYS D 137 -29.50 19.89 -10.43
CA LYS D 137 -30.34 18.86 -9.87
C LYS D 137 -30.08 18.73 -8.37
N LEU D 138 -31.19 18.66 -7.64
CA LEU D 138 -31.18 18.51 -6.19
C LEU D 138 -31.78 17.18 -5.76
N GLY D 139 -32.77 16.69 -6.50
CA GLY D 139 -33.51 15.55 -6.00
C GLY D 139 -32.63 14.36 -5.72
N GLY D 140 -32.85 13.74 -4.59
CA GLY D 140 -32.11 12.55 -4.21
C GLY D 140 -30.80 12.88 -3.53
N GLN D 141 -30.38 14.15 -3.49
CA GLN D 141 -29.10 14.47 -2.89
C GLN D 141 -29.11 14.15 -1.40
N HIS D 142 -27.97 13.81 -0.86
CA HIS D 142 -27.86 13.60 0.57
C HIS D 142 -28.20 14.86 1.35
N ALA D 143 -29.09 14.71 2.33
CA ALA D 143 -29.50 15.84 3.14
C ALA D 143 -28.36 16.55 3.85
N ALA D 144 -27.39 15.82 4.36
CA ALA D 144 -26.33 16.51 5.08
C ALA D 144 -25.56 17.44 4.14
N TYR D 145 -25.34 16.98 2.91
CA TYR D 145 -24.67 17.81 1.91
C TYR D 145 -25.47 19.06 1.57
N THR D 146 -26.75 18.82 1.26
CA THR D 146 -27.62 19.93 0.91
C THR D 146 -27.69 20.96 2.01
N ALA D 147 -27.76 20.48 3.25
CA ALA D 147 -27.85 21.40 4.39
C ALA D 147 -26.58 22.21 4.50
N LYS D 148 -25.43 21.54 4.28
CA LYS D 148 -24.18 22.30 4.31
C LYS D 148 -24.16 23.37 3.24
N GLN D 149 -24.67 23.06 2.04
CA GLN D 149 -24.61 24.04 0.98
C GLN D 149 -25.50 25.23 1.29
N LEU D 150 -26.68 24.96 1.77
CA LEU D 150 -27.58 26.07 2.13
C LEU D 150 -27.00 26.92 3.24
N THR D 151 -26.40 26.25 4.22
CA THR D 151 -25.78 26.99 5.34
C THR D 151 -24.62 27.85 4.82
N ASP D 152 -23.82 27.26 3.95
CA ASP D 152 -22.65 27.93 3.38
C ASP D 152 -23.07 29.10 2.48
N PHE D 153 -24.12 28.96 1.65
CA PHE D 153 -24.66 30.11 0.94
C PHE D 153 -25.13 31.18 1.92
N ARG D 154 -25.90 30.81 2.94
CA ARG D 154 -26.43 31.78 3.86
C ARG D 154 -25.32 32.59 4.54
N GLU D 155 -24.27 31.89 4.93
CA GLU D 155 -23.13 32.52 5.59
C GLU D 155 -22.13 33.16 4.66
N GLY D 156 -22.28 33.07 3.34
CA GLY D 156 -21.34 33.67 2.43
C GLY D 156 -20.05 32.91 2.34
N ASN D 157 -20.04 31.64 2.74
CA ASN D 157 -18.90 30.78 2.60
C ASN D 157 -18.82 30.01 1.30
N ARG D 158 -19.90 29.96 0.57
CA ARG D 158 -19.95 29.55 -0.80
C ARG D 158 -20.40 30.76 -1.61
N THR D 159 -19.59 31.18 -2.56
CA THR D 159 -19.80 32.43 -3.29
C THR D 159 -19.76 32.22 -4.79
N ASN D 160 -19.74 30.97 -5.27
CA ASN D 160 -19.60 30.75 -6.70
C ASN D 160 -20.95 30.82 -7.44
N ASP D 161 -22.00 31.35 -6.80
CA ASP D 161 -23.13 31.83 -7.55
C ASP D 161 -22.82 33.20 -8.19
N GLY D 162 -21.68 33.80 -7.86
CA GLY D 162 -21.34 35.05 -8.58
C GLY D 162 -22.16 36.26 -8.13
N ASP D 163 -21.97 37.33 -8.91
CA ASP D 163 -22.40 38.64 -8.49
C ASP D 163 -23.90 38.81 -8.38
N THR D 164 -24.71 38.07 -9.12
CA THR D 164 -26.17 38.19 -8.91
C THR D 164 -26.60 37.52 -7.63
N MET D 165 -25.73 36.74 -6.99
CA MET D 165 -25.99 36.22 -5.65
C MET D 165 -27.33 35.52 -5.51
N ILE D 166 -27.68 34.72 -6.51
CA ILE D 166 -29.00 34.10 -6.43
C ILE D 166 -29.11 33.24 -5.19
N MET D 167 -28.16 32.37 -4.95
CA MET D 167 -28.31 31.45 -3.85
C MET D 167 -27.93 32.09 -2.50
N ARG D 168 -26.93 32.96 -2.48
CA ARG D 168 -26.68 33.70 -1.23
C ARG D 168 -27.88 34.53 -0.82
N GLY D 169 -28.58 35.11 -1.82
CA GLY D 169 -29.76 35.87 -1.44
C GLY D 169 -30.94 35.04 -1.02
N VAL D 170 -31.13 33.88 -1.65
CA VAL D 170 -32.20 32.96 -1.25
C VAL D 170 -31.94 32.46 0.17
N ALA D 171 -30.71 31.96 0.37
CA ALA D 171 -30.38 31.27 1.62
C ALA D 171 -30.29 32.20 2.80
N ALA D 172 -30.00 33.47 2.53
CA ALA D 172 -30.02 34.51 3.56
C ALA D 172 -31.30 34.51 4.40
N LYS D 173 -32.39 34.05 3.80
CA LYS D 173 -33.72 34.02 4.42
C LYS D 173 -34.06 32.72 5.11
N LEU D 174 -33.14 31.77 5.16
CA LEU D 174 -33.43 30.47 5.75
C LEU D 174 -32.84 30.30 7.15
N SER D 175 -33.69 29.84 8.05
CA SER D 175 -33.32 29.41 9.39
C SER D 175 -32.69 28.02 9.36
N ASN D 176 -32.02 27.66 10.45
CA ASN D 176 -31.48 26.31 10.55
C ASN D 176 -32.56 25.26 10.41
N LYS D 177 -33.73 25.49 10.98
CA LYS D 177 -34.80 24.50 10.87
C LYS D 177 -35.31 24.46 9.43
N ASP D 178 -35.43 25.60 8.78
CA ASP D 178 -35.80 25.65 7.38
C ASP D 178 -34.87 24.78 6.53
N ILE D 179 -33.57 24.94 6.81
CA ILE D 179 -32.56 24.21 6.06
C ILE D 179 -32.64 22.72 6.33
N GLU D 180 -32.87 22.30 7.55
CA GLU D 180 -33.02 20.88 7.86
C GLU D 180 -34.25 20.29 7.16
N ALA D 181 -35.36 21.00 7.17
CA ALA D 181 -36.58 20.54 6.51
C ALA D 181 -36.43 20.46 5.01
N LEU D 182 -35.93 21.53 4.40
CA LEU D 182 -35.68 21.49 2.97
C LEU D 182 -34.82 20.32 2.54
N SER D 183 -33.74 20.15 3.30
CA SER D 183 -32.72 19.15 2.91
C SER D 183 -33.29 17.74 2.97
N SER D 184 -34.13 17.46 3.95
CA SER D 184 -34.78 16.17 4.04
C SER D 184 -35.78 15.99 2.91
N TYR D 185 -36.62 16.99 2.67
CA TYR D 185 -37.57 16.88 1.57
C TYR D 185 -36.85 16.62 0.25
N ILE D 186 -35.77 17.36 0.04
CA ILE D 186 -35.03 17.25 -1.21
C ILE D 186 -34.45 15.86 -1.42
N GLN D 187 -34.00 15.24 -0.33
CA GLN D 187 -33.42 13.89 -0.43
C GLN D 187 -34.44 12.92 -0.97
N GLY D 188 -35.72 13.09 -0.61
CA GLY D 188 -36.79 12.25 -1.06
C GLY D 188 -37.39 12.64 -2.38
N LEU D 189 -37.03 13.78 -2.93
CA LEU D 189 -37.63 14.32 -4.15
C LEU D 189 -37.08 13.60 -5.36
N HIS D 190 -37.96 13.26 -6.30
CA HIS D 190 -37.56 12.66 -7.57
C HIS D 190 -38.66 12.81 -8.60
FE HEC E . 8.62 -18.65 -21.87
CHA HEC E . 7.37 -19.44 -24.97
CHB HEC E . 7.38 -15.48 -22.19
CHC HEC E . 9.56 -17.94 -18.72
CHD HEC E . 10.28 -21.62 -21.75
NA HEC E . 7.65 -17.63 -23.30
C1A HEC E . 7.23 -18.16 -24.53
C2A HEC E . 6.53 -17.09 -25.26
C3A HEC E . 6.54 -15.97 -24.50
C4A HEC E . 7.19 -16.34 -23.25
CMA HEC E . 5.97 -14.62 -24.74
CAA HEC E . 5.96 -17.25 -26.69
CBA HEC E . 6.93 -16.61 -27.70
CGA HEC E . 6.43 -16.65 -29.20
O1A HEC E . 7.31 -16.40 -30.03
O2A HEC E . 5.27 -16.93 -29.41
NB HEC E . 8.51 -17.10 -20.65
C1B HEC E . 7.97 -15.84 -20.97
C2B HEC E . 8.08 -14.97 -19.85
C3B HEC E . 8.55 -15.70 -18.80
C4B HEC E . 8.85 -16.93 -19.34
CMB HEC E . 7.57 -13.46 -19.85
CAB HEC E . 8.86 -15.27 -17.39
CBB HEC E . 7.51 -14.79 -16.68
NC HEC E . 9.65 -19.63 -20.47
C1C HEC E . 9.95 -19.17 -19.21
C2C HEC E . 10.89 -20.09 -18.59
C3C HEC E . 11.16 -21.05 -19.47
C4C HEC E . 10.36 -20.79 -20.69
CMC HEC E . 11.48 -19.84 -17.21
CAC HEC E . 12.17 -22.19 -19.38
CBC HEC E . 11.77 -23.22 -18.29
ND HEC E . 8.76 -20.18 -23.08
C1D HEC E . 9.41 -21.34 -22.84
C2D HEC E . 9.23 -22.31 -23.93
C3D HEC E . 8.44 -21.71 -24.82
C4D HEC E . 8.13 -20.46 -24.31
CMD HEC E . 9.79 -23.72 -24.00
CAD HEC E . 8.05 -22.32 -26.15
CBD HEC E . 6.96 -23.37 -25.96
CGD HEC E . 6.60 -23.95 -27.36
O1D HEC E . 7.44 -24.65 -27.99
O2D HEC E . 5.75 -23.58 -27.97
FE HEC F . 2.47 -17.13 -39.91
CHA HEC F . 2.31 -16.92 -36.50
CHB HEC F . 5.30 -19.04 -39.66
CHC HEC F . 2.43 -17.61 -43.25
CHD HEC F . -0.02 -14.86 -40.17
NA HEC F . 3.58 -17.86 -38.38
C1A HEC F . 3.33 -17.66 -37.04
C2A HEC F . 4.42 -18.31 -36.30
C3A HEC F . 5.24 -18.93 -37.22
C4A HEC F . 4.73 -18.58 -38.52
CMA HEC F . 6.47 -19.74 -36.92
CAA HEC F . 4.59 -18.33 -34.78
CBA HEC F . 5.73 -17.37 -34.36
CGA HEC F . 6.03 -17.50 -32.85
O1A HEC F . 6.83 -16.58 -32.42
O2A HEC F . 5.64 -18.46 -32.19
NB HEC F . 3.61 -18.14 -41.22
C1B HEC F . 4.77 -18.78 -40.93
C2B HEC F . 5.36 -19.32 -42.17
C3B HEC F . 4.53 -19.02 -43.17
C4B HEC F . 3.46 -18.19 -42.58
CMB HEC F . 6.67 -20.07 -42.18
CAB HEC F . 4.67 -19.31 -44.64
CBB HEC F . 4.74 -20.83 -44.91
NC HEC F . 1.41 -16.39 -41.42
C1C HEC F . 1.53 -16.74 -42.74
C2C HEC F . 0.61 -15.94 -43.55
C3C HEC F . 0.00 -15.06 -42.70
C4C HEC F . 0.44 -15.40 -41.35
CMC HEC F . 0.49 -16.07 -45.09
CAC HEC F . -1.01 -13.94 -43.03
CBC HEC F . -2.19 -14.42 -43.88
ND HEC F . 1.34 -16.14 -38.63
C1D HEC F . 0.28 -15.30 -38.86
C2D HEC F . -0.34 -14.84 -37.67
C3D HEC F . 0.28 -15.47 -36.67
C4D HEC F . 1.42 -16.18 -37.22
CMD HEC F . -1.60 -13.99 -37.60
CAD HEC F . -0.03 -15.32 -35.18
CBD HEC F . -0.86 -16.44 -34.45
CGD HEC F . -0.98 -16.13 -33.01
O1D HEC F . -1.40 -14.91 -32.65
O2D HEC F . -0.76 -16.99 -32.18
C1 GOL G . 19.62 -13.81 -45.44
O1 GOL G . 18.24 -14.14 -45.70
C2 GOL G . 19.83 -12.33 -45.20
O2 GOL G . 19.14 -12.35 -43.95
C3 GOL G . 19.10 -11.34 -46.02
O3 GOL G . 19.45 -10.11 -45.53
FE HEC H . 0.92 5.12 20.28
CHA HEC H . -0.20 4.34 17.11
CHB HEC H . -0.24 8.31 19.89
CHC HEC H . 1.83 5.85 23.43
CHD HEC H . 2.38 2.06 20.47
NA HEC H . -0.03 6.13 18.83
C1A HEC H . -0.40 5.61 17.57
C2A HEC H . -0.97 6.71 16.80
C3A HEC H . -1.09 7.80 17.60
C4A HEC H . -0.42 7.45 18.84
CMA HEC H . -1.48 9.20 17.24
CAA HEC H . -1.50 6.54 15.37
CBA HEC H . -0.43 7.08 14.37
CGA HEC H . -0.85 7.01 12.88
O1A HEC H . 0.01 7.34 12.06
O2A HEC H . -2.02 6.74 12.62
NB HEC H . 0.84 6.70 21.47
C1B HEC H . 0.32 7.96 21.13
C2B HEC H . 0.32 8.82 22.27
C3B HEC H . 0.88 8.13 23.31
C4B HEC H . 1.22 6.89 22.76
CMB HEC H . 0.00 10.37 22.18
CAB HEC H . 1.22 8.58 24.71
CBB HEC H . -0.12 9.16 25.40
NC HEC H . 1.89 4.13 21.71
C1C HEC H . 2.22 4.63 22.94
C2C HEC H . 3.13 3.69 23.58
C3C HEC H . 3.30 2.64 22.76
C4C HEC H . 2.47 2.89 21.56
CMC HEC H . 3.78 3.99 24.93
CAC HEC H . 4.28 1.48 22.85
CBC HEC H . 3.89 0.51 24.03
ND HEC H . 1.04 3.58 19.08
C1D HEC H . 1.60 2.40 19.30
C2D HEC H . 1.42 1.39 18.26
C3D HEC H . 0.73 2.03 17.30
C4D HEC H . 0.49 3.31 17.81
CMD HEC H . 1.94 -0.02 18.28
CAD HEC H . 0.36 1.46 15.98
CBD HEC H . -0.79 0.48 16.10
CGD HEC H . -0.98 -0.23 14.73
O1D HEC H . -0.19 -1.18 14.39
O2D HEC H . -1.68 0.12 13.95
FE HEC I . -4.62 6.51 2.12
CHA HEC I . -4.78 6.65 5.53
CHB HEC I . -1.68 4.78 2.33
CHC HEC I . -4.57 6.22 -1.24
CHD HEC I . -7.25 8.61 1.90
NA HEC I . -3.47 5.80 3.63
C1A HEC I . -3.73 5.95 4.97
C2A HEC I . -2.63 5.30 5.70
C3A HEC I . -1.78 4.77 4.78
C4A HEC I . -2.31 5.12 3.48
CMA HEC I . -0.52 3.98 5.03
CAA HEC I . -2.50 5.24 7.23
CBA HEC I . -1.41 6.26 7.69
CGA HEC I . -1.17 6.17 9.20
O1A HEC I . -0.39 7.11 9.64
O2A HEC I . -1.55 5.20 9.86
NB HEC I . -3.39 5.64 0.79
C1B HEC I . -2.20 5.05 1.06
C2B HEC I . -1.62 4.53 -0.18
C3B HEC I . -2.41 4.89 -1.19
C4B HEC I . -3.56 5.60 -0.56
CMB HEC I . -0.27 3.84 -0.21
CAB HEC I . -2.26 4.65 -2.66
CBB HEC I . -2.11 3.14 -3.00
NC HEC I . -5.70 7.25 0.63
C1C HEC I . -5.50 7.03 -0.73
C2C HEC I . -6.51 7.73 -1.50
C3C HEC I . -7.26 8.47 -0.62
C4C HEC I . -6.79 8.11 0.73
CMC HEC I . -6.64 7.64 -3.03
CAC HEC I . -8.32 9.55 -0.88
CBC HEC I . -9.46 9.09 -1.77
ND HEC I . -5.81 7.38 3.42
C1D HEC I . -6.87 8.20 3.21
C2D HEC I . -7.51 8.64 4.42
C3D HEC I . -6.81 8.09 5.41
C4D HEC I . -5.73 7.33 4.84
CMD HEC I . -8.81 9.44 4.49
CAD HEC I . -7.12 8.23 6.90
CBD HEC I . -8.12 7.20 7.53
CGD HEC I . -8.34 7.51 8.96
O1D HEC I . -8.75 8.74 9.27
O2D HEC I . -7.90 6.75 9.81
FE HEC J . 28.18 -14.73 27.84
CHA HEC J . 25.81 -12.42 28.78
CHB HEC J . 27.09 -14.52 24.63
CHC HEC J . 30.68 -16.73 26.83
CHD HEC J . 28.99 -15.25 31.10
NA HEC J . 26.76 -13.67 26.88
C1A HEC J . 25.86 -12.78 27.48
C2A HEC J . 24.95 -12.32 26.43
C3A HEC J . 25.28 -12.90 25.26
C4A HEC J . 26.43 -13.75 25.54
CMA HEC J . 24.71 -12.71 23.89
CAA HEC J . 23.80 -11.32 26.68
CBA HEC J . 22.46 -12.12 26.81
CGA HEC J . 21.20 -11.23 26.93
O1A HEC J . 20.15 -11.83 27.17
O2A HEC J . 21.30 -10.03 26.75
NB HEC J . 28.79 -15.51 26.13
C1B HEC J . 28.20 -15.32 24.87
C2B HEC J . 28.91 -16.02 23.88
C3B HEC J . 30.00 -16.59 24.47
C4B HEC J . 29.91 -16.22 25.81
CMB HEC J . 28.49 -16.12 22.36
CAB HEC J . 31.09 -17.44 23.86
CBB HEC J . 31.98 -16.56 22.85
NC HEC J . 29.57 -15.79 28.78
C1C HEC J . 30.49 -16.60 28.19
C2C HEC J . 31.23 -17.29 29.23
C3C HEC J . 30.76 -16.88 30.41
C4C HEC J . 29.66 -15.93 30.14
CMC HEC J . 32.31 -18.31 28.91
CAC HEC J . 30.99 -17.49 31.79
CBC HEC J . 32.45 -17.28 32.25
ND HEC J . 27.62 -13.92 29.53
C1D HEC J . 28.03 -14.26 30.78
C2D HEC J . 27.43 -13.40 31.82
C3D HEC J . 26.51 -12.66 31.18
C4D HEC J . 26.61 -12.97 29.83
CMD HEC J . 27.72 -13.43 33.30
CAD HEC J . 25.52 -11.73 31.84
CBD HEC J . 26.22 -10.43 32.28
CGD HEC J . 25.16 -9.60 33.08
O1D HEC J . 24.95 -9.83 34.31
O2D HEC J . 24.50 -8.82 32.63
FE HEC K . 12.37 -4.11 27.81
CHA HEC K . 15.58 -5.15 27.01
CHB HEC K . 12.38 -6.16 30.51
CHC HEC K . 9.42 -2.80 28.73
CHD HEC K . 12.32 -2.26 24.98
NA HEC K . 13.73 -5.38 28.62
C1A HEC K . 14.97 -5.69 28.13
C2A HEC K . 15.58 -6.66 29.06
C3A HEC K . 14.66 -6.92 30.03
C4A HEC K . 13.50 -6.14 29.73
CMA HEC K . 14.81 -7.86 31.20
CAA HEC K . 16.96 -7.32 28.89
CBA HEC K . 16.82 -8.73 28.26
CGA HEC K . 18.16 -9.47 28.23
O1A HEC K . 18.10 -10.60 27.57
O2A HEC K . 19.17 -9.06 28.80
NB HEC K . 11.14 -4.40 29.33
C1B HEC K . 11.28 -5.33 30.31
C2B HEC K . 10.13 -5.27 31.22
C3B HEC K . 9.32 -4.30 30.79
C4B HEC K . 9.95 -3.76 29.56
CMB HEC K . 9.97 -6.22 32.39
CAB HEC K . 8.00 -3.82 31.33
CBB HEC K . 8.16 -3.34 32.81
NC HEC K . 11.08 -2.86 26.98
C1C HEC K . 9.89 -2.42 27.54
C2C HEC K . 9.20 -1.58 26.58
C3C HEC K . 9.95 -1.50 25.45
C4C HEC K . 11.19 -2.23 25.75
CMC HEC K . 7.83 -0.91 26.88
CAC HEC K . 9.60 -0.94 24.06
CBC HEC K . 9.34 0.55 24.05
ND HEC K . 13.65 -3.78 26.30
C1D HEC K . 13.52 -2.97 25.22
C2D HEC K . 14.68 -2.91 24.41
C3D HEC K . 15.56 -3.75 24.96
C4D HEC K . 14.96 -4.32 26.14
CMD HEC K . 14.87 -2.03 23.18
CAD HEC K . 16.97 -4.06 24.45
CBD HEC K . 18.10 -3.07 24.93
CGD HEC K . 19.37 -3.42 24.26
O1D HEC K . 19.45 -3.20 22.95
O2D HEC K . 20.27 -3.93 24.91
C1 GOL L . 37.19 -15.70 9.46
O1 GOL L . 38.17 -14.77 9.99
C2 GOL L . 35.80 -15.00 9.58
O2 GOL L . 35.62 -16.15 10.46
C3 GOL L . 34.65 -15.28 8.66
O3 GOL L . 34.73 -16.62 8.52
FE HEC M . -15.38 15.69 -4.93
CHA HEC M . -17.70 18.07 -4.00
CHB HEC M . -16.17 16.19 -8.19
CHC HEC M . -12.87 13.67 -5.85
CHD HEC M . -14.82 14.98 -1.63
NA HEC M . -16.66 16.88 -5.91
C1A HEC M . -17.57 17.76 -5.34
C2A HEC M . -18.33 18.38 -6.42
C3A HEC M . -17.90 17.88 -7.61
C4A HEC M . -16.84 16.95 -7.28
CMA HEC M . -18.28 18.25 -9.01
CAA HEC M . -19.45 19.41 -6.21
CBA HEC M . -20.82 18.70 -6.36
CGA HEC M . -22.06 19.63 -6.28
O1A HEC M . -23.15 19.08 -6.17
O2A HEC M . -21.87 20.84 -6.38
NB HEC M . -14.65 14.99 -6.62
C1B HEC M . -15.07 15.36 -7.92
C2B HEC M . -14.36 14.63 -8.89
C3B HEC M . -13.37 13.94 -8.25
C4B HEC M . -13.58 14.20 -6.90
CMB HEC M . -14.57 14.83 -10.45
CAB HEC M . -12.32 13.03 -8.81
CBB HEC M . -11.23 13.85 -9.66
NC HEC M . -14.11 14.52 -3.94
C1C HEC M . -13.18 13.69 -4.51
C2C HEC M . -12.60 12.86 -3.47
C3C HEC M . -13.12 13.24 -2.29
C4C HEC M . -14.12 14.29 -2.59
CMC HEC M . -11.58 11.77 -3.75
CAC HEC M . -13.07 12.52 -0.96
CBC HEC M . -11.71 12.69 -0.22
ND HEC M . -16.07 16.39 -3.22
C1D HEC M . -15.69 16.03 -1.96
C2D HEC M . -16.50 16.71 -0.93
C3D HEC M . -17.28 17.57 -1.59
C4D HEC M . -17.04 17.34 -2.93
CMD HEC M . -16.32 16.64 0.58
CAD HEC M . -18.33 18.44 -0.96
CBD HEC M . -17.71 19.70 -0.35
CGD HEC M . -18.89 20.56 0.20
O1D HEC M . -19.59 20.14 1.17
O2D HEC M . -19.11 21.59 -0.15
FE HEC N . -30.75 27.00 -5.72
CHA HEC N . -27.55 25.92 -6.33
CHB HEC N . -31.00 24.85 -3.10
CHC HEC N . -33.72 28.38 -4.93
CHD HEC N . -30.64 28.86 -8.56
NA HEC N . -29.51 25.64 -4.87
C1A HEC N . -28.25 25.31 -5.30
C2A HEC N . -27.72 24.31 -4.35
C3A HEC N . -28.71 24.04 -3.45
C4A HEC N . -29.83 24.87 -3.81
CMA HEC N . -28.70 23.03 -2.33
CAA HEC N . -26.34 23.64 -4.46
CBA HEC N . -26.50 22.24 -5.13
CGA HEC N . -25.15 21.48 -5.13
O1A HEC N . -25.20 20.38 -5.82
O2A HEC N . -24.18 21.84 -4.48
NB HEC N . -32.10 26.70 -4.29
C1B HEC N . -32.07 25.70 -3.37
C2B HEC N . -33.26 25.79 -2.52
C3B HEC N . -33.99 26.82 -2.96
C4B HEC N . -33.28 27.37 -4.12
CMB HEC N . -33.52 24.82 -1.38
CAB HEC N . -35.31 27.32 -2.44
CBB HEC N . -35.22 27.76 -0.95
NC HEC N . -31.95 28.33 -6.58
C1C HEC N . -33.13 28.81 -6.07
C2C HEC N . -33.78 29.68 -7.05
C3C HEC N . -32.96 29.76 -8.14
C4C HEC N . -31.81 28.87 -7.85
CMC HEC N . -35.07 30.49 -6.75
CAC HEC N . -33.26 30.31 -9.55
CBC HEC N . -33.48 31.81 -9.60
ND HEC N . -29.39 27.35 -7.13
C1D HEC N . -29.43 28.21 -8.19
C2D HEC N . -28.21 28.26 -8.93
C3D HEC N . -27.38 27.39 -8.35
C4D HEC N . -28.07 26.82 -7.21
CMD HEC N . -27.94 29.17 -10.11
CAD HEC N . -25.94 27.12 -8.75
CBD HEC N . -24.86 28.10 -8.18
CGD HEC N . -23.52 27.73 -8.68
O1D HEC N . -23.26 27.95 -9.96
O2D HEC N . -22.74 27.15 -7.94
C TRS O . -28.22 14.16 -7.43
C1 TRS O . -28.56 13.00 -8.43
C2 TRS O . -29.32 15.04 -7.50
C3 TRS O . -26.92 14.69 -7.98
N TRS O . -28.18 13.61 -6.07
O1 TRS O . -27.89 11.89 -8.13
O2 TRS O . -29.27 16.14 -6.61
O3 TRS O . -26.25 14.06 -9.06
#